data_3J6C
# 
_entry.id   3J6C 
# 
_audit_conform.dict_name       mmcif_pdbx.dic 
_audit_conform.dict_version    5.387 
_audit_conform.dict_location   http://mmcif.pdb.org/dictionaries/ascii/mmcif_pdbx.dic 
# 
loop_
_database_2.database_id 
_database_2.database_code 
_database_2.pdbx_database_accession 
_database_2.pdbx_DOI 
PDB   3J6C         pdb_00003j6c 10.2210/pdb3j6c/pdb 
RCSB  RCSB160306   ?            ?                   
WWPDB D_1000160306 ?            ?                   
# 
loop_
_pdbx_audit_revision_history.ordinal 
_pdbx_audit_revision_history.data_content_type 
_pdbx_audit_revision_history.major_revision 
_pdbx_audit_revision_history.minor_revision 
_pdbx_audit_revision_history.revision_date 
1 'Structure model' 1 0 2014-03-05 
2 'Structure model' 1 1 2018-07-18 
3 'Structure model' 1 2 2024-02-21 
# 
_pdbx_audit_revision_details.ordinal             1 
_pdbx_audit_revision_details.revision_ordinal    1 
_pdbx_audit_revision_details.data_content_type   'Structure model' 
_pdbx_audit_revision_details.provider            repository 
_pdbx_audit_revision_details.type                'Initial release' 
_pdbx_audit_revision_details.description         ? 
_pdbx_audit_revision_details.details             ? 
# 
loop_
_pdbx_audit_revision_group.ordinal 
_pdbx_audit_revision_group.revision_ordinal 
_pdbx_audit_revision_group.data_content_type 
_pdbx_audit_revision_group.group 
1 2 'Structure model' 'Author supporting evidence' 
2 2 'Structure model' 'Data collection'            
3 3 'Structure model' 'Data collection'            
4 3 'Structure model' 'Database references'        
5 3 'Structure model' 'Derived calculations'       
6 3 'Structure model' 'Refinement description'     
# 
loop_
_pdbx_audit_revision_category.ordinal 
_pdbx_audit_revision_category.revision_ordinal 
_pdbx_audit_revision_category.data_content_type 
_pdbx_audit_revision_category.category 
1  2 'Structure model' em_image_scans                
2  2 'Structure model' em_single_particle_entity     
3  2 'Structure model' em_software                   
4  3 'Structure model' chem_comp_atom                
5  3 'Structure model' chem_comp_bond                
6  3 'Structure model' database_2                    
7  3 'Structure model' em_3d_fitting_list            
8  3 'Structure model' pdbx_initial_refinement_model 
9  3 'Structure model' pdbx_struct_oper_list         
10 3 'Structure model' struct_ref_seq_dif            
# 
loop_
_pdbx_audit_revision_item.ordinal 
_pdbx_audit_revision_item.revision_ordinal 
_pdbx_audit_revision_item.data_content_type 
_pdbx_audit_revision_item.item 
1  2 'Structure model' '_em_software.image_processing_id'                
2  3 'Structure model' '_database_2.pdbx_DOI'                            
3  3 'Structure model' '_database_2.pdbx_database_accession'             
4  3 'Structure model' '_em_3d_fitting_list.accession_code'              
5  3 'Structure model' '_em_3d_fitting_list.initial_refinement_model_id' 
6  3 'Structure model' '_em_3d_fitting_list.source_name'                 
7  3 'Structure model' '_em_3d_fitting_list.type'                        
8  3 'Structure model' '_pdbx_struct_oper_list.name'                     
9  3 'Structure model' '_pdbx_struct_oper_list.symmetry_operation'       
10 3 'Structure model' '_pdbx_struct_oper_list.type'                     
11 3 'Structure model' '_struct_ref_seq_dif.details'                     
# 
_pdbx_database_status.status_code                     REL 
_pdbx_database_status.entry_id                        3J6C 
_pdbx_database_status.recvd_initial_deposition_date   2014-02-04 
_pdbx_database_status.deposit_site                    RCSB 
_pdbx_database_status.process_site                    RCSB 
_pdbx_database_status.status_code_sf                  ? 
_pdbx_database_status.status_code_mr                  ? 
_pdbx_database_status.SG_entry                        ? 
_pdbx_database_status.status_code_cs                  ? 
_pdbx_database_status.methods_development_category    ? 
_pdbx_database_status.pdb_format_compatible           Y 
_pdbx_database_status.status_code_nmr_data            ? 
# 
_pdbx_database_related.db_name        EMDB 
_pdbx_database_related.db_id          EMD-5890 
_pdbx_database_related.content_type   'associated EM volume' 
_pdbx_database_related.details        . 
# 
loop_
_audit_author.name 
_audit_author.pdbx_ordinal 
'Xu, H.'           1  
'He, X.'           2  
'Zheng, H.'        3  
'Huang, L.J.'      4  
'Hou, F.'          5  
'Yu, Z.'           6  
'de la Cruz, M.J.' 7  
'Borkowski, B.'    8  
'Zhang, X.'        9  
'Chen, Z.J.'       10 
'Jiang, Q.-X.'     11 
# 
loop_
_citation.id 
_citation.title 
_citation.journal_abbrev 
_citation.journal_volume 
_citation.page_first 
_citation.page_last 
_citation.year 
_citation.journal_id_ASTM 
_citation.country 
_citation.journal_id_ISSN 
_citation.journal_id_CSD 
_citation.book_publisher 
_citation.pdbx_database_id_PubMed 
_citation.pdbx_database_id_DOI 
primary 'Structural basis for the prion-like MAVS filaments in antiviral innate immunity.'         Elife              3 e01489 
e01489 2014 ? US 2050-084X ? ? 24569476 10.7554/eLife.01489    
1       'Crystal structure of human IPS-1/MAVS/VISA/Cardif caspase activation recruitment domain.' 'Bmc Struct.Biol.' 8 11     11 
2008 ? UK 1472-6807 ? ? 18307765 10.1186/1472-6807-8-11 
# 
loop_
_citation_author.citation_id 
_citation_author.name 
_citation_author.ordinal 
_citation_author.identifier_ORCID 
primary 'Xu, H.'           1  ? 
primary 'He, X.'           2  ? 
primary 'Zheng, H.'        3  ? 
primary 'Huang, L.J.'      4  ? 
primary 'Hou, F.'          5  ? 
primary 'Yu, Z.'           6  ? 
primary 'de la Cruz, M.J.' 7  ? 
primary 'Borkowski, B.'    8  ? 
primary 'Zhang, X.'        9  ? 
primary 'Chen, Z.J.'       10 ? 
primary 'Jiang, Q.X.'      11 ? 
1       'Potter, J.A.'     12 ? 
1       'Randall, R.E.'    13 ? 
1       'Taylor, G.L.'     14 ? 
# 
_entity.id                         1 
_entity.type                       polymer 
_entity.src_method                 man 
_entity.pdbx_description           'Mitochondrial antiviral-signaling protein' 
_entity.formula_weight             10826.325 
_entity.pdbx_number_of_molecules   1 
_entity.pdbx_ec                    ? 
_entity.pdbx_mutation              ? 
_entity.pdbx_fragment              'caspase activation recruitment domain (UNP residues 3-93)' 
_entity.details                    ? 
# 
_entity_name_com.entity_id   1 
_entity_name_com.name        
;MAVS, CARD adapter inducing interferon beta, Cardif, Interferon beta promoter stimulator protein 1, IPS-1, Putative NF-kappa-B-activating protein 031N, Virus-induced-signaling adapter, VISA
;
# 
_entity_poly.entity_id                      1 
_entity_poly.type                           'polypeptide(L)' 
_entity_poly.nstd_linkage                   no 
_entity_poly.nstd_monomer                   no 
_entity_poly.pdbx_seq_one_letter_code       
;MAFAEDKTYKYICRNFSNFCNVDVVEILPYLPCLTARDQDRLRATCTLSGNRDTLWHLFNTLQRRPGWVEYFIAALRGCE
LVDLADEVASVYQ
;
_entity_poly.pdbx_seq_one_letter_code_can   
;MAFAEDKTYKYICRNFSNFCNVDVVEILPYLPCLTARDQDRLRATCTLSGNRDTLWHLFNTLQRRPGWVEYFIAALRGCE
LVDLADEVASVYQ
;
_entity_poly.pdbx_strand_id                 A 
_entity_poly.pdbx_target_identifier         ? 
# 
loop_
_entity_poly_seq.entity_id 
_entity_poly_seq.num 
_entity_poly_seq.mon_id 
_entity_poly_seq.hetero 
1 1  MET n 
1 2  ALA n 
1 3  PHE n 
1 4  ALA n 
1 5  GLU n 
1 6  ASP n 
1 7  LYS n 
1 8  THR n 
1 9  TYR n 
1 10 LYS n 
1 11 TYR n 
1 12 ILE n 
1 13 CYS n 
1 14 ARG n 
1 15 ASN n 
1 16 PHE n 
1 17 SER n 
1 18 ASN n 
1 19 PHE n 
1 20 CYS n 
1 21 ASN n 
1 22 VAL n 
1 23 ASP n 
1 24 VAL n 
1 25 VAL n 
1 26 GLU n 
1 27 ILE n 
1 28 LEU n 
1 29 PRO n 
1 30 TYR n 
1 31 LEU n 
1 32 PRO n 
1 33 CYS n 
1 34 LEU n 
1 35 THR n 
1 36 ALA n 
1 37 ARG n 
1 38 ASP n 
1 39 GLN n 
1 40 ASP n 
1 41 ARG n 
1 42 LEU n 
1 43 ARG n 
1 44 ALA n 
1 45 THR n 
1 46 CYS n 
1 47 THR n 
1 48 LEU n 
1 49 SER n 
1 50 GLY n 
1 51 ASN n 
1 52 ARG n 
1 53 ASP n 
1 54 THR n 
1 55 LEU n 
1 56 TRP n 
1 57 HIS n 
1 58 LEU n 
1 59 PHE n 
1 60 ASN n 
1 61 THR n 
1 62 LEU n 
1 63 GLN n 
1 64 ARG n 
1 65 ARG n 
1 66 PRO n 
1 67 GLY n 
1 68 TRP n 
1 69 VAL n 
1 70 GLU n 
1 71 TYR n 
1 72 PHE n 
1 73 ILE n 
1 74 ALA n 
1 75 ALA n 
1 76 LEU n 
1 77 ARG n 
1 78 GLY n 
1 79 CYS n 
1 80 GLU n 
1 81 LEU n 
1 82 VAL n 
1 83 ASP n 
1 84 LEU n 
1 85 ALA n 
1 86 ASP n 
1 87 GLU n 
1 88 VAL n 
1 89 ALA n 
1 90 SER n 
1 91 VAL n 
1 92 TYR n 
1 93 GLN n 
# 
_entity_src_gen.entity_id                          1 
_entity_src_gen.pdbx_src_id                        1 
_entity_src_gen.pdbx_alt_source_flag               sample 
_entity_src_gen.pdbx_seq_type                      ? 
_entity_src_gen.pdbx_beg_seq_num                   ? 
_entity_src_gen.pdbx_end_seq_num                   ? 
_entity_src_gen.gene_src_common_name               human 
_entity_src_gen.gene_src_genus                     ? 
_entity_src_gen.pdbx_gene_src_gene                 'MAVS, IPS1, KIAA1271, VISA' 
_entity_src_gen.gene_src_species                   ? 
_entity_src_gen.gene_src_strain                    ? 
_entity_src_gen.gene_src_tissue                    ? 
_entity_src_gen.gene_src_tissue_fraction           ? 
_entity_src_gen.gene_src_details                   ? 
_entity_src_gen.pdbx_gene_src_fragment             ? 
_entity_src_gen.pdbx_gene_src_scientific_name      'Homo sapiens' 
_entity_src_gen.pdbx_gene_src_ncbi_taxonomy_id     9606 
_entity_src_gen.pdbx_gene_src_variant              ? 
_entity_src_gen.pdbx_gene_src_cell_line            ? 
_entity_src_gen.pdbx_gene_src_atcc                 ? 
_entity_src_gen.pdbx_gene_src_organ                ? 
_entity_src_gen.pdbx_gene_src_organelle            ? 
_entity_src_gen.pdbx_gene_src_cell                 ? 
_entity_src_gen.pdbx_gene_src_cellular_location    ? 
_entity_src_gen.host_org_common_name               human 
_entity_src_gen.pdbx_host_org_scientific_name      'Homo sapiens' 
_entity_src_gen.pdbx_host_org_ncbi_taxonomy_id     9606 
_entity_src_gen.host_org_genus                     ? 
_entity_src_gen.pdbx_host_org_gene                 ? 
_entity_src_gen.pdbx_host_org_organ                ? 
_entity_src_gen.host_org_species                   ? 
_entity_src_gen.pdbx_host_org_tissue               ? 
_entity_src_gen.pdbx_host_org_tissue_fraction      ? 
_entity_src_gen.pdbx_host_org_strain               ? 
_entity_src_gen.pdbx_host_org_variant              ? 
_entity_src_gen.pdbx_host_org_cell_line            HEK293T 
_entity_src_gen.pdbx_host_org_atcc                 ? 
_entity_src_gen.pdbx_host_org_culture_collection   ? 
_entity_src_gen.pdbx_host_org_cell                 ? 
_entity_src_gen.pdbx_host_org_organelle            ? 
_entity_src_gen.pdbx_host_org_cellular_location    ? 
_entity_src_gen.pdbx_host_org_vector_type          plasmid 
_entity_src_gen.pdbx_host_org_vector               ? 
_entity_src_gen.host_org_details                   ? 
_entity_src_gen.expression_system_id               ? 
_entity_src_gen.plasmid_name                       pcDNA3 
_entity_src_gen.plasmid_details                    ? 
_entity_src_gen.pdbx_description                   ? 
# 
loop_
_chem_comp.id 
_chem_comp.type 
_chem_comp.mon_nstd_flag 
_chem_comp.name 
_chem_comp.pdbx_synonyms 
_chem_comp.formula 
_chem_comp.formula_weight 
ALA 'L-peptide linking' y ALANINE         ? 'C3 H7 N O2'     89.093  
ARG 'L-peptide linking' y ARGININE        ? 'C6 H15 N4 O2 1' 175.209 
ASN 'L-peptide linking' y ASPARAGINE      ? 'C4 H8 N2 O3'    132.118 
ASP 'L-peptide linking' y 'ASPARTIC ACID' ? 'C4 H7 N O4'     133.103 
CYS 'L-peptide linking' y CYSTEINE        ? 'C3 H7 N O2 S'   121.158 
GLN 'L-peptide linking' y GLUTAMINE       ? 'C5 H10 N2 O3'   146.144 
GLU 'L-peptide linking' y 'GLUTAMIC ACID' ? 'C5 H9 N O4'     147.129 
GLY 'peptide linking'   y GLYCINE         ? 'C2 H5 N O2'     75.067  
HIS 'L-peptide linking' y HISTIDINE       ? 'C6 H10 N3 O2 1' 156.162 
ILE 'L-peptide linking' y ISOLEUCINE      ? 'C6 H13 N O2'    131.173 
LEU 'L-peptide linking' y LEUCINE         ? 'C6 H13 N O2'    131.173 
LYS 'L-peptide linking' y LYSINE          ? 'C6 H15 N2 O2 1' 147.195 
MET 'L-peptide linking' y METHIONINE      ? 'C5 H11 N O2 S'  149.211 
PHE 'L-peptide linking' y PHENYLALANINE   ? 'C9 H11 N O2'    165.189 
PRO 'L-peptide linking' y PROLINE         ? 'C5 H9 N O2'     115.130 
SER 'L-peptide linking' y SERINE          ? 'C3 H7 N O3'     105.093 
THR 'L-peptide linking' y THREONINE       ? 'C4 H9 N O3'     119.119 
TRP 'L-peptide linking' y TRYPTOPHAN      ? 'C11 H12 N2 O2'  204.225 
TYR 'L-peptide linking' y TYROSINE        ? 'C9 H11 N O3'    181.189 
VAL 'L-peptide linking' y VALINE          ? 'C5 H11 N O2'    117.146 
# 
loop_
_pdbx_poly_seq_scheme.asym_id 
_pdbx_poly_seq_scheme.entity_id 
_pdbx_poly_seq_scheme.seq_id 
_pdbx_poly_seq_scheme.mon_id 
_pdbx_poly_seq_scheme.ndb_seq_num 
_pdbx_poly_seq_scheme.pdb_seq_num 
_pdbx_poly_seq_scheme.auth_seq_num 
_pdbx_poly_seq_scheme.pdb_mon_id 
_pdbx_poly_seq_scheme.auth_mon_id 
_pdbx_poly_seq_scheme.pdb_strand_id 
_pdbx_poly_seq_scheme.pdb_ins_code 
_pdbx_poly_seq_scheme.hetero 
A 1 1  MET 1  370 370 MET MET A . n 
A 1 2  ALA 2  371 371 ALA ALA A . n 
A 1 3  PHE 3  372 372 PHE PHE A . n 
A 1 4  ALA 4  373 373 ALA ALA A . n 
A 1 5  GLU 5  374 374 GLU GLU A . n 
A 1 6  ASP 6  375 375 ASP ASP A . n 
A 1 7  LYS 7  376 376 LYS LYS A . n 
A 1 8  THR 8  377 377 THR THR A . n 
A 1 9  TYR 9  378 378 TYR TYR A . n 
A 1 10 LYS 10 379 379 LYS LYS A . n 
A 1 11 TYR 11 380 380 TYR TYR A . n 
A 1 12 ILE 12 381 381 ILE ILE A . n 
A 1 13 CYS 13 382 382 CYS CYS A . n 
A 1 14 ARG 14 383 383 ARG ARG A . n 
A 1 15 ASN 15 384 384 ASN ASN A . n 
A 1 16 PHE 16 385 385 PHE PHE A . n 
A 1 17 SER 17 386 386 SER SER A . n 
A 1 18 ASN 18 387 387 ASN ASN A . n 
A 1 19 PHE 19 388 388 PHE PHE A . n 
A 1 20 CYS 20 389 389 CYS CYS A . n 
A 1 21 ASN 21 390 390 ASN ASN A . n 
A 1 22 VAL 22 391 391 VAL VAL A . n 
A 1 23 ASP 23 392 392 ASP ASP A . n 
A 1 24 VAL 24 393 393 VAL VAL A . n 
A 1 25 VAL 25 394 394 VAL VAL A . n 
A 1 26 GLU 26 395 395 GLU GLU A . n 
A 1 27 ILE 27 396 396 ILE ILE A . n 
A 1 28 LEU 28 397 397 LEU LEU A . n 
A 1 29 PRO 29 398 398 PRO PRO A . n 
A 1 30 TYR 30 399 399 TYR TYR A . n 
A 1 31 LEU 31 400 400 LEU LEU A . n 
A 1 32 PRO 32 401 401 PRO PRO A . n 
A 1 33 CYS 33 402 402 CYS CYS A . n 
A 1 34 LEU 34 403 403 LEU LEU A . n 
A 1 35 THR 35 404 404 THR THR A . n 
A 1 36 ALA 36 405 405 ALA ALA A . n 
A 1 37 ARG 37 406 406 ARG ARG A . n 
A 1 38 ASP 38 407 407 ASP ASP A . n 
A 1 39 GLN 39 408 408 GLN GLN A . n 
A 1 40 ASP 40 409 409 ASP ASP A . n 
A 1 41 ARG 41 410 410 ARG ARG A . n 
A 1 42 LEU 42 411 411 LEU LEU A . n 
A 1 43 ARG 43 412 412 ARG ARG A . n 
A 1 44 ALA 44 413 413 ALA ALA A . n 
A 1 45 THR 45 414 414 THR THR A . n 
A 1 46 CYS 46 415 415 CYS CYS A . n 
A 1 47 THR 47 416 416 THR THR A . n 
A 1 48 LEU 48 417 417 LEU LEU A . n 
A 1 49 SER 49 418 418 SER SER A . n 
A 1 50 GLY 50 419 419 GLY GLY A . n 
A 1 51 ASN 51 420 420 ASN ASN A . n 
A 1 52 ARG 52 421 421 ARG ARG A . n 
A 1 53 ASP 53 422 422 ASP ASP A . n 
A 1 54 THR 54 423 423 THR THR A . n 
A 1 55 LEU 55 424 424 LEU LEU A . n 
A 1 56 TRP 56 425 425 TRP TRP A . n 
A 1 57 HIS 57 426 426 HIS HIS A . n 
A 1 58 LEU 58 427 427 LEU LEU A . n 
A 1 59 PHE 59 428 428 PHE PHE A . n 
A 1 60 ASN 60 429 429 ASN ASN A . n 
A 1 61 THR 61 430 430 THR THR A . n 
A 1 62 LEU 62 431 431 LEU LEU A . n 
A 1 63 GLN 63 432 432 GLN GLN A . n 
A 1 64 ARG 64 433 433 ARG ARG A . n 
A 1 65 ARG 65 434 434 ARG ARG A . n 
A 1 66 PRO 66 435 435 PRO PRO A . n 
A 1 67 GLY 67 436 436 GLY GLY A . n 
A 1 68 TRP 68 437 437 TRP TRP A . n 
A 1 69 VAL 69 438 438 VAL VAL A . n 
A 1 70 GLU 70 439 439 GLU GLU A . n 
A 1 71 TYR 71 440 440 TYR TYR A . n 
A 1 72 PHE 72 441 441 PHE PHE A . n 
A 1 73 ILE 73 442 442 ILE ILE A . n 
A 1 74 ALA 74 443 443 ALA ALA A . n 
A 1 75 ALA 75 444 444 ALA ALA A . n 
A 1 76 LEU 76 445 445 LEU LEU A . n 
A 1 77 ARG 77 446 446 ARG ARG A . n 
A 1 78 GLY 78 447 447 GLY GLY A . n 
A 1 79 CYS 79 448 448 CYS CYS A . n 
A 1 80 GLU 80 449 449 GLU GLU A . n 
A 1 81 LEU 81 450 450 LEU LEU A . n 
A 1 82 VAL 82 451 451 VAL VAL A . n 
A 1 83 ASP 83 452 452 ASP ASP A . n 
A 1 84 LEU 84 453 453 LEU LEU A . n 
A 1 85 ALA 85 454 454 ALA ALA A . n 
A 1 86 ASP 86 455 455 ASP ASP A . n 
A 1 87 GLU 87 456 456 GLU GLU A . n 
A 1 88 VAL 88 457 457 VAL VAL A . n 
A 1 89 ALA 89 458 458 ALA ALA A . n 
A 1 90 SER 90 459 459 SER SER A . n 
A 1 91 VAL 91 460 460 VAL VAL A . n 
A 1 92 TYR 92 461 461 TYR TYR A . n 
A 1 93 GLN 93 462 462 GLN GLN A . n 
# 
_cell.entry_id           3J6C 
_cell.length_a           1.000 
_cell.length_b           1.000 
_cell.length_c           1.000 
_cell.angle_alpha        90.00 
_cell.angle_beta         90.00 
_cell.angle_gamma        90.00 
_cell.Z_PDB              1 
_cell.pdbx_unique_axis   ? 
_cell.length_a_esd       ? 
_cell.length_b_esd       ? 
_cell.length_c_esd       ? 
_cell.angle_alpha_esd    ? 
_cell.angle_beta_esd     ? 
_cell.angle_gamma_esd    ? 
# 
_symmetry.entry_id                         3J6C 
_symmetry.space_group_name_H-M             'P 1' 
_symmetry.pdbx_full_space_group_name_H-M   ? 
_symmetry.cell_setting                     ? 
_symmetry.Int_Tables_number                1 
# 
_exptl.entry_id          3J6C 
_exptl.method            'ELECTRON MICROSCOPY' 
_exptl.crystals_number   ? 
# 
_exptl_crystal.id                    1 
_exptl_crystal.density_meas          ? 
_exptl_crystal.density_Matthews      ? 
_exptl_crystal.density_percent_sol   ? 
_exptl_crystal.description           ? 
# 
_diffrn.id                     1 
_diffrn.ambient_temp           ? 
_diffrn.ambient_temp_details   ? 
_diffrn.crystal_id             1 
# 
_diffrn_radiation.diffrn_id                        1 
_diffrn_radiation.wavelength_id                    1 
_diffrn_radiation.pdbx_monochromatic_or_laue_m_l   M 
_diffrn_radiation.monochromator                    ? 
_diffrn_radiation.pdbx_diffrn_protocol             'SINGLE WAVELENGTH' 
_diffrn_radiation.pdbx_scattering_type             x-ray 
# 
_diffrn_radiation_wavelength.id           1 
_diffrn_radiation_wavelength.wavelength   . 
_diffrn_radiation_wavelength.wt           1.0 
# 
_refine_hist.pdbx_refine_id                   'ELECTRON MICROSCOPY' 
_refine_hist.cycle_id                         LAST 
_refine_hist.pdbx_number_atoms_protein        760 
_refine_hist.pdbx_number_atoms_nucleic_acid   0 
_refine_hist.pdbx_number_atoms_ligand         0 
_refine_hist.number_atoms_solvent             0 
_refine_hist.number_atoms_total               760 
_refine_hist.d_res_high                       . 
_refine_hist.d_res_low                        . 
# 
_struct.entry_id                  3J6C 
_struct.title                     'Cryo-EM structure of MAVS CARD filament' 
_struct.pdbx_model_details        ? 
_struct.pdbx_CASP_flag            ? 
_struct.pdbx_model_type_details   ? 
# 
_struct_keywords.entry_id        3J6C 
_struct_keywords.pdbx_keywords   'SIGNALING PROTEIN' 
_struct_keywords.text            'Innate immunity, helical filament, SIGNALING PROTEIN' 
# 
_struct_asym.id                            A 
_struct_asym.pdbx_blank_PDB_chainid_flag   N 
_struct_asym.pdbx_modified                 N 
_struct_asym.entity_id                     1 
_struct_asym.details                       ? 
# 
_struct_ref.id                         1 
_struct_ref.db_name                    UNP 
_struct_ref.db_code                    MAVS_HUMAN 
_struct_ref.pdbx_db_accession          Q7Z434 
_struct_ref.entity_id                  1 
_struct_ref.pdbx_seq_one_letter_code   
;FAEDKTYKYICRNFSNFCNVDVVEILPYLPCLTARDQDRLRATCTLSGNRDTLWHLFNTLQRRPGWVEYFIAALRGCELV
DLADEVASVYQ
;
_struct_ref.pdbx_align_begin           3 
_struct_ref.pdbx_db_isoform            ? 
# 
_struct_ref_seq.align_id                      1 
_struct_ref_seq.ref_id                        1 
_struct_ref_seq.pdbx_PDB_id_code              3J6C 
_struct_ref_seq.pdbx_strand_id                A 
_struct_ref_seq.seq_align_beg                 3 
_struct_ref_seq.pdbx_seq_align_beg_ins_code   ? 
_struct_ref_seq.seq_align_end                 93 
_struct_ref_seq.pdbx_seq_align_end_ins_code   ? 
_struct_ref_seq.pdbx_db_accession             Q7Z434 
_struct_ref_seq.db_align_beg                  3 
_struct_ref_seq.pdbx_db_align_beg_ins_code    ? 
_struct_ref_seq.db_align_end                  93 
_struct_ref_seq.pdbx_db_align_end_ins_code    ? 
_struct_ref_seq.pdbx_auth_seq_align_beg       372 
_struct_ref_seq.pdbx_auth_seq_align_end       462 
# 
loop_
_struct_ref_seq_dif.align_id 
_struct_ref_seq_dif.pdbx_pdb_id_code 
_struct_ref_seq_dif.mon_id 
_struct_ref_seq_dif.pdbx_pdb_strand_id 
_struct_ref_seq_dif.seq_num 
_struct_ref_seq_dif.pdbx_pdb_ins_code 
_struct_ref_seq_dif.pdbx_seq_db_name 
_struct_ref_seq_dif.pdbx_seq_db_accession_code 
_struct_ref_seq_dif.db_mon_id 
_struct_ref_seq_dif.pdbx_seq_db_seq_num 
_struct_ref_seq_dif.details 
_struct_ref_seq_dif.pdbx_auth_seq_num 
_struct_ref_seq_dif.pdbx_ordinal 
1 3J6C MET A 1 ? UNP Q7Z434 ? ? 'expression tag' 370 1 
1 3J6C ALA A 2 ? UNP Q7Z434 ? ? 'expression tag' 371 2 
# 
loop_
_pdbx_struct_assembly.id 
_pdbx_struct_assembly.details 
_pdbx_struct_assembly.method_details 
_pdbx_struct_assembly.oligomeric_details 
_pdbx_struct_assembly.oligomeric_count 
1 'representative helical assembly'            ? 24-meric  24 
2 'helical asymmetric unit'                    ? monomeric 1  
3 'helical asymmetric unit, std helical frame' ? monomeric 1  
# 
loop_
_pdbx_struct_assembly_gen.assembly_id 
_pdbx_struct_assembly_gen.oper_expression 
_pdbx_struct_assembly_gen.asym_id_list 
1 '(1-24)' A 
2 13       A 
3 H        A 
# 
loop_
_pdbx_struct_oper_list.id 
_pdbx_struct_oper_list.type 
_pdbx_struct_oper_list.name 
_pdbx_struct_oper_list.symmetry_operation 
_pdbx_struct_oper_list.matrix[1][1] 
_pdbx_struct_oper_list.matrix[1][2] 
_pdbx_struct_oper_list.matrix[1][3] 
_pdbx_struct_oper_list.vector[1] 
_pdbx_struct_oper_list.matrix[2][1] 
_pdbx_struct_oper_list.matrix[2][2] 
_pdbx_struct_oper_list.matrix[2][3] 
_pdbx_struct_oper_list.vector[2] 
_pdbx_struct_oper_list.matrix[3][1] 
_pdbx_struct_oper_list.matrix[3][2] 
_pdbx_struct_oper_list.matrix[3][3] 
_pdbx_struct_oper_list.vector[3] 
H  'identity operation'         1_555 x,y,z 1.000000    -0.000000   0.000000    0.00000   -0.000000   1.000000   0.000000    0.00000   0.000000    0.000000    1.000000    0.00000   
1  'helical symmetry operation' ?     ?     0.02185773  -0.44598576 -0.89477323 14.52213  -0.17517740 0.87943251 -0.44261876 74.14841  0.98429432  0.16641871  -0.05890423 -12.91196 
2  'helical symmetry operation' ?     ?     0.77873891  -0.15916856 -0.60682089 -0.96826  0.01865808  0.97272698 -0.23120157 50.82130  0.62707105  0.16872361  0.76047011  -16.24816 
3  'helical symmetry operation' ?     ?     0.97767823  0.02286578  0.20886041  -13.14837 -0.03704108 0.99724858 0.06421258  31.41772  -0.20681748 -0.07051563 0.97583519  0.19518   
4  'helical symmetry operation' ?     ?     0.45673834  -0.04805952 0.88830207  -7.92611  -0.29693542 0.93303664 0.20315515  18.84380  -0.83858192 -0.35655707 0.41188303  24.89053  
5  'helical symmetry operation' ?     ?     -0.36003327 -0.31421109 0.87843429  14.62491  -0.54946956 0.83235997 0.07252587  10.44630  -0.75396194 -0.45656127 -0.47232670 39.59328  
6  'helical symmetry operation' ?     ?     -0.80777979 -0.55893983 0.18729093  40.32542  -0.58907948 0.77716996 -0.22134180 0.17235   -0.02184013 -0.28912471 -0.95704217 34.19268  
7  'helical symmetry operation' ?     ?     -0.52203408 -0.58303576 -0.62253537 52.43243  -0.38352251 0.81239147 -0.43923872 -16.50348 0.76183428  0.00945882  -0.64770339 14.94243  
8  'helical symmetry operation' ?     ?     0.26460644  -0.36688419 -0.89184076 45.26818  -0.10012291 0.90935413 -0.40379516 -38.89545 0.95914511  0.19614057  0.20388743  -0.63027  
9  'helical symmetry operation' ?     ?     0.91181182  0.03043038  0.40948016  -25.24407 -0.08643374 0.98912977 0.11896049  63.24855  -0.40140905 -0.14386237 0.90453041  0.88948   
10 'helical symmetry operation' ?     ?     0.26460644  -0.10012291 0.95914511  -15.26805 -0.36688419 0.90935413 0.19614057  52.10154  -0.89184076 -0.40379516 0.20388743  24.79469  
11 'helical symmetry operation' ?     ?     -0.52203408 -0.38352251 0.76183428  9.65838   -0.58303576 0.81239147 0.00945882  43.83593  -0.62253537 -0.43923872 -0.64770339 35.07035  
12 'helical symmetry operation' ?     ?     -0.80777979 -0.58907948 -0.02184013 33.42237  -0.55893983 0.77716996 -0.28912471 32.29150  0.18729093  -0.22134180 -0.95704217 25.20946  
13 'identity operation'         1_555 x,y,z 1.000000    0.000000    0.000000    0.00000   0.000000    1.000000   0.000000    0.00000   0.000000    0.000000    1.000000    0.00000   
14 'helical symmetry operation' ?     ?     -0.36003327 -0.54946956 -0.75396194 40.85719  -0.31421109 0.83235997 -0.45656127 13.97697  0.87843429  0.07252587  -0.47232670 5.09628   
15 'helical symmetry operation' ?     ?     0.45673834  -0.29693542 -0.83858192 30.08832  -0.04805952 0.93303664 -0.35655707 -9.08797  0.88830207  0.20315515  0.41188303  -7.03941  
16 'helical symmetry operation' ?     ?     0.97767823  -0.03704108 -0.20681748 14.05899  0.02286578  0.99724858 -0.07051563 -31.01686 0.20886041  0.06421258  0.97583519  0.53829   
17 'helical symmetry operation' ?     ?     0.77873891  0.01865808  0.62707105  9.99459   -0.15916856 0.97272698 0.16872361  -46.84792 -0.60682089 -0.23120157 0.76047011  23.51861  
18 'helical symmetry operation' ?     ?     -0.65373517 -0.44812499 0.60976537  4.62162   -0.60206923 0.79615777 -0.06037700 77.02724  -0.45841297 -0.40659161 -0.79027860 29.32936  
19 'helical symmetry operation' ?     ?     -0.76341188 -0.60438919 -0.22785188 25.53155  -0.51545455 0.78263883 -0.34897440 64.00112  0.38924206  -0.14896385 -0.90901095 15.60605  
20 'helical symmetry operation' ?     ?     -0.17571068 -0.50302393 -0.84622234 28.18084  -0.24360381 0.85507989 -0.45770680 44.17009  0.95382520  0.12571895  -0.27278521 -4.26729  
21 'helical symmetry operation' ?     ?     0.63097492  -0.22654166 -0.74198959 14.59022  -0.00780541 0.95451334 -0.29806584 20.78820  0.77576333  0.19386347  0.60050574  -12.25610 
22 'helical symmetry operation' ?     ?     0.63097492  -0.00780541 0.77576333  0.46398   -0.22654166 0.95451334 0.19386347  -14.16132 -0.74198959 -0.29806584 0.60050574  24.38196  
23 'helical symmetry operation' ?     ?     -0.17571068 -0.24360381 0.95382520  19.78193  -0.50302393 0.85507989 0.12571895  -23.05683 -0.84622234 -0.45770680 -0.27278521 42.90016  
24 'helical symmetry operation' ?     ?     -0.76341188 -0.51545455 0.38924206  46.40622  -0.60438919 0.78263883 -0.14896385 -32.33404 -0.22785188 -0.34897440 -0.90901095 42.33820 
# 
_struct_biol.id        1 
_struct_biol.details   ? 
# 
loop_
_struct_conf.conf_type_id 
_struct_conf.id 
_struct_conf.pdbx_PDB_helix_id 
_struct_conf.beg_label_comp_id 
_struct_conf.beg_label_asym_id 
_struct_conf.beg_label_seq_id 
_struct_conf.pdbx_beg_PDB_ins_code 
_struct_conf.end_label_comp_id 
_struct_conf.end_label_asym_id 
_struct_conf.end_label_seq_id 
_struct_conf.pdbx_end_PDB_ins_code 
_struct_conf.beg_auth_comp_id 
_struct_conf.beg_auth_asym_id 
_struct_conf.beg_auth_seq_id 
_struct_conf.end_auth_comp_id 
_struct_conf.end_auth_asym_id 
_struct_conf.end_auth_seq_id 
_struct_conf.pdbx_PDB_helix_class 
_struct_conf.details 
_struct_conf.pdbx_PDB_helix_length 
HELX_P HELX_P1 1 MET A 1  ? ASN A 15 ? MET A 370 ASN A 384 1 ? 15 
HELX_P HELX_P2 2 PHE A 16 ? CYS A 20 ? PHE A 385 CYS A 389 5 ? 5  
HELX_P HELX_P3 3 ASP A 23 ? LEU A 28 ? ASP A 392 LEU A 397 1 ? 6  
HELX_P HELX_P4 4 PRO A 29 ? LEU A 31 ? PRO A 398 LEU A 400 5 ? 3  
HELX_P HELX_P5 5 THR A 35 ? GLY A 50 ? THR A 404 GLY A 419 1 ? 16 
HELX_P HELX_P6 6 GLY A 50 ? GLN A 63 ? GLY A 419 GLN A 432 1 ? 14 
HELX_P HELX_P7 7 TRP A 68 ? CYS A 79 ? TRP A 437 CYS A 448 1 ? 12 
HELX_P HELX_P8 8 LEU A 81 ? GLN A 93 ? LEU A 450 GLN A 462 1 ? 13 
# 
_struct_conf_type.id          HELX_P 
_struct_conf_type.criteria    ? 
_struct_conf_type.reference   ? 
# 
_pdbx_validate_rmsd_angle.id                         1 
_pdbx_validate_rmsd_angle.PDB_model_num              1 
_pdbx_validate_rmsd_angle.auth_atom_id_1             C 
_pdbx_validate_rmsd_angle.auth_asym_id_1             A 
_pdbx_validate_rmsd_angle.auth_comp_id_1             ARG 
_pdbx_validate_rmsd_angle.auth_seq_id_1              434 
_pdbx_validate_rmsd_angle.PDB_ins_code_1             ? 
_pdbx_validate_rmsd_angle.label_alt_id_1             ? 
_pdbx_validate_rmsd_angle.auth_atom_id_2             N 
_pdbx_validate_rmsd_angle.auth_asym_id_2             A 
_pdbx_validate_rmsd_angle.auth_comp_id_2             PRO 
_pdbx_validate_rmsd_angle.auth_seq_id_2              435 
_pdbx_validate_rmsd_angle.PDB_ins_code_2             ? 
_pdbx_validate_rmsd_angle.label_alt_id_2             ? 
_pdbx_validate_rmsd_angle.auth_atom_id_3             CD 
_pdbx_validate_rmsd_angle.auth_asym_id_3             A 
_pdbx_validate_rmsd_angle.auth_comp_id_3             PRO 
_pdbx_validate_rmsd_angle.auth_seq_id_3              435 
_pdbx_validate_rmsd_angle.PDB_ins_code_3             ? 
_pdbx_validate_rmsd_angle.label_alt_id_3             ? 
_pdbx_validate_rmsd_angle.angle_value                141.12 
_pdbx_validate_rmsd_angle.angle_target_value         128.40 
_pdbx_validate_rmsd_angle.angle_deviation            12.72 
_pdbx_validate_rmsd_angle.angle_standard_deviation   2.10 
_pdbx_validate_rmsd_angle.linker_flag                Y 
# 
_pdbx_validate_torsion.id              1 
_pdbx_validate_torsion.PDB_model_num   1 
_pdbx_validate_torsion.auth_comp_id    LEU 
_pdbx_validate_torsion.auth_asym_id    A 
_pdbx_validate_torsion.auth_seq_id     450 
_pdbx_validate_torsion.PDB_ins_code    ? 
_pdbx_validate_torsion.label_alt_id    ? 
_pdbx_validate_torsion.phi             -105.20 
_pdbx_validate_torsion.psi             67.74 
# 
_pdbx_helical_symmetry.entry_id                  3J6C 
_pdbx_helical_symmetry.number_of_operations      24 
_pdbx_helical_symmetry.rotation_per_n_subunits   -53.6 
_pdbx_helical_symmetry.rise_per_n_subunits       16.8 
_pdbx_helical_symmetry.n_subunits_divisor        1 
_pdbx_helical_symmetry.dyad_axis                 no 
_pdbx_helical_symmetry.circular_symmetry         3 
# 
_em_3d_fitting.id                1 
_em_3d_fitting.entry_id          3J6C 
_em_3d_fitting.ref_protocol      'RIGID BODY FIT' 
_em_3d_fitting.ref_space         REAL 
_em_3d_fitting.overall_b_value   ? 
_em_3d_fitting.target_criteria   ? 
_em_3d_fitting.details           
;REFINEMENT PROTOCOL--rigid body DETAILS--The docking of one X-ray model into a 
segmented map corresponding to one subunit was first done manually in Chimera, 
and then optimized using SITUS.
;
_em_3d_fitting.method            ? 
# 
_em_3d_fitting_list.3d_fitting_id                 1 
_em_3d_fitting_list.id                            1 
_em_3d_fitting_list.pdb_entry_id                  2VGQ 
_em_3d_fitting_list.pdb_chain_id                  A 
_em_3d_fitting_list.details                       ? 
_em_3d_fitting_list.initial_refinement_model_id   1 
_em_3d_fitting_list.chain_id                      ? 
_em_3d_fitting_list.chain_residue_range           ? 
_em_3d_fitting_list.pdb_chain_residue_range       ? 
_em_3d_fitting_list.source_name                   PDB 
_em_3d_fitting_list.type                          'experimental model' 
_em_3d_fitting_list.accession_code                2VGQ 
# 
_em_3d_reconstruction.entry_id                    3J6C 
_em_3d_reconstruction.id                          1 
_em_3d_reconstruction.resolution_method           'FSC 0.5 CUT-OFF' 
_em_3d_reconstruction.symmetry_type               HELICAL 
_em_3d_reconstruction.image_processing_id         1 
_em_3d_reconstruction.method                      IHRSR 
_em_3d_reconstruction.nominal_pixel_size          2.333 
_em_3d_reconstruction.actual_pixel_size           2.333 
_em_3d_reconstruction.resolution                  9.6 
_em_3d_reconstruction.magnification_calibration   ? 
_em_3d_reconstruction.details                     
;Final data were calculated from three separate datasets from three sessions of data collection. The handedness of the map was determined by cryo-electron tomography (Helical Details: IHRSR).
;
_em_3d_reconstruction.num_class_averages          ? 
_em_3d_reconstruction.num_particles               ? 
_em_3d_reconstruction.algorithm                   ? 
# 
_em_buffer.id            1 
_em_buffer.specimen_id   1 
_em_buffer.name          '20 mM Tris-HCl, 50 mM NaCl, 1 mM DTT' 
_em_buffer.pH            7.5 
_em_buffer.details       '20 mM Tris-HCl, 50 mM NaCl, 1 mM DTT' 
# 
_em_entity_assembly.id                   1 
_em_entity_assembly.name                 'MAVS CARD filament' 
_em_entity_assembly.type                 COMPLEX 
_em_entity_assembly.parent_id            0 
_em_entity_assembly.synonym              ? 
_em_entity_assembly.details              polymer 
_em_entity_assembly.oligomeric_details   ? 
# 
_em_imaging.entry_id                        3J6C 
_em_imaging.id                              1 
_em_imaging.date                            2011-10-20 
_em_imaging.specimen_id                     1 
_em_imaging.temperature                     ? 
_em_imaging.microscope_model                'JEOL 2200FS' 
_em_imaging.nominal_defocus_min             800 
_em_imaging.nominal_defocus_max             2000 
_em_imaging.tilt_angle_min                  0.0 
_em_imaging.tilt_angle_max                  0.0 
_em_imaging.nominal_cs                      2.0 
_em_imaging.mode                            'BRIGHT FIELD' 
_em_imaging.illumination_mode               'FLOOD BEAM' 
_em_imaging.nominal_magnification           60000 
_em_imaging.calibrated_magnification        61950 
_em_imaging.electron_source                 'FIELD EMISSION GUN' 
_em_imaging.accelerating_voltage            200 
_em_imaging.details                         ? 
_em_imaging.specimen_holder_type            ? 
_em_imaging.specimen_holder_model           'GATAN LIQUID NITROGEN' 
_em_imaging.recording_temperature_minimum   ? 
_em_imaging.recording_temperature_maximum   ? 
_em_imaging.detector_distance               0.0 
_em_imaging.electron_beam_tilt_params       ? 
_em_imaging.astigmatism                     'Objective lens astigmatism was corrected at 100,000x magnification' 
_em_imaging.citation_id                     ? 
# 
_em_sample_support.id               1 
_em_sample_support.specimen_id      1 
_em_sample_support.details          'Quantifoil grids coated with thin carbon on top' 
_em_sample_support.film_material    ? 
_em_sample_support.grid_material    ? 
_em_sample_support.grid_mesh_size   ? 
_em_sample_support.grid_type        ? 
_em_sample_support.method           ? 
# 
_em_vitrification.entry_id              3J6C 
_em_vitrification.id                    1 
_em_vitrification.details               'Plunged into liquid ethane (FEI VITROBOT MARK III)' 
_em_vitrification.cryogen_name          ETHANE 
_em_vitrification.humidity              100 
_em_vitrification.temp                  ? 
_em_vitrification.instrument            'FEI VITROBOT MARK III' 
_em_vitrification.method                ? 
_em_vitrification.time_resolved_state   ? 
_em_vitrification.citation_id           ? 
_em_vitrification.specimen_id           1 
# 
_em_experiment.entry_id                3J6C 
_em_experiment.id                      1 
_em_experiment.aggregation_state       FILAMENT 
_em_experiment.entity_assembly_id      1 
_em_experiment.reconstruction_method   HELICAL 
# 
loop_
_chem_comp_atom.comp_id 
_chem_comp_atom.atom_id 
_chem_comp_atom.type_symbol 
_chem_comp_atom.pdbx_aromatic_flag 
_chem_comp_atom.pdbx_stereo_config 
_chem_comp_atom.pdbx_ordinal 
ALA N    N N N 1   
ALA CA   C N S 2   
ALA C    C N N 3   
ALA O    O N N 4   
ALA CB   C N N 5   
ALA OXT  O N N 6   
ALA H    H N N 7   
ALA H2   H N N 8   
ALA HA   H N N 9   
ALA HB1  H N N 10  
ALA HB2  H N N 11  
ALA HB3  H N N 12  
ALA HXT  H N N 13  
ARG N    N N N 14  
ARG CA   C N S 15  
ARG C    C N N 16  
ARG O    O N N 17  
ARG CB   C N N 18  
ARG CG   C N N 19  
ARG CD   C N N 20  
ARG NE   N N N 21  
ARG CZ   C N N 22  
ARG NH1  N N N 23  
ARG NH2  N N N 24  
ARG OXT  O N N 25  
ARG H    H N N 26  
ARG H2   H N N 27  
ARG HA   H N N 28  
ARG HB2  H N N 29  
ARG HB3  H N N 30  
ARG HG2  H N N 31  
ARG HG3  H N N 32  
ARG HD2  H N N 33  
ARG HD3  H N N 34  
ARG HE   H N N 35  
ARG HH11 H N N 36  
ARG HH12 H N N 37  
ARG HH21 H N N 38  
ARG HH22 H N N 39  
ARG HXT  H N N 40  
ASN N    N N N 41  
ASN CA   C N S 42  
ASN C    C N N 43  
ASN O    O N N 44  
ASN CB   C N N 45  
ASN CG   C N N 46  
ASN OD1  O N N 47  
ASN ND2  N N N 48  
ASN OXT  O N N 49  
ASN H    H N N 50  
ASN H2   H N N 51  
ASN HA   H N N 52  
ASN HB2  H N N 53  
ASN HB3  H N N 54  
ASN HD21 H N N 55  
ASN HD22 H N N 56  
ASN HXT  H N N 57  
ASP N    N N N 58  
ASP CA   C N S 59  
ASP C    C N N 60  
ASP O    O N N 61  
ASP CB   C N N 62  
ASP CG   C N N 63  
ASP OD1  O N N 64  
ASP OD2  O N N 65  
ASP OXT  O N N 66  
ASP H    H N N 67  
ASP H2   H N N 68  
ASP HA   H N N 69  
ASP HB2  H N N 70  
ASP HB3  H N N 71  
ASP HD2  H N N 72  
ASP HXT  H N N 73  
CYS N    N N N 74  
CYS CA   C N R 75  
CYS C    C N N 76  
CYS O    O N N 77  
CYS CB   C N N 78  
CYS SG   S N N 79  
CYS OXT  O N N 80  
CYS H    H N N 81  
CYS H2   H N N 82  
CYS HA   H N N 83  
CYS HB2  H N N 84  
CYS HB3  H N N 85  
CYS HG   H N N 86  
CYS HXT  H N N 87  
GLN N    N N N 88  
GLN CA   C N S 89  
GLN C    C N N 90  
GLN O    O N N 91  
GLN CB   C N N 92  
GLN CG   C N N 93  
GLN CD   C N N 94  
GLN OE1  O N N 95  
GLN NE2  N N N 96  
GLN OXT  O N N 97  
GLN H    H N N 98  
GLN H2   H N N 99  
GLN HA   H N N 100 
GLN HB2  H N N 101 
GLN HB3  H N N 102 
GLN HG2  H N N 103 
GLN HG3  H N N 104 
GLN HE21 H N N 105 
GLN HE22 H N N 106 
GLN HXT  H N N 107 
GLU N    N N N 108 
GLU CA   C N S 109 
GLU C    C N N 110 
GLU O    O N N 111 
GLU CB   C N N 112 
GLU CG   C N N 113 
GLU CD   C N N 114 
GLU OE1  O N N 115 
GLU OE2  O N N 116 
GLU OXT  O N N 117 
GLU H    H N N 118 
GLU H2   H N N 119 
GLU HA   H N N 120 
GLU HB2  H N N 121 
GLU HB3  H N N 122 
GLU HG2  H N N 123 
GLU HG3  H N N 124 
GLU HE2  H N N 125 
GLU HXT  H N N 126 
GLY N    N N N 127 
GLY CA   C N N 128 
GLY C    C N N 129 
GLY O    O N N 130 
GLY OXT  O N N 131 
GLY H    H N N 132 
GLY H2   H N N 133 
GLY HA2  H N N 134 
GLY HA3  H N N 135 
GLY HXT  H N N 136 
HIS N    N N N 137 
HIS CA   C N S 138 
HIS C    C N N 139 
HIS O    O N N 140 
HIS CB   C N N 141 
HIS CG   C Y N 142 
HIS ND1  N Y N 143 
HIS CD2  C Y N 144 
HIS CE1  C Y N 145 
HIS NE2  N Y N 146 
HIS OXT  O N N 147 
HIS H    H N N 148 
HIS H2   H N N 149 
HIS HA   H N N 150 
HIS HB2  H N N 151 
HIS HB3  H N N 152 
HIS HD1  H N N 153 
HIS HD2  H N N 154 
HIS HE1  H N N 155 
HIS HE2  H N N 156 
HIS HXT  H N N 157 
ILE N    N N N 158 
ILE CA   C N S 159 
ILE C    C N N 160 
ILE O    O N N 161 
ILE CB   C N S 162 
ILE CG1  C N N 163 
ILE CG2  C N N 164 
ILE CD1  C N N 165 
ILE OXT  O N N 166 
ILE H    H N N 167 
ILE H2   H N N 168 
ILE HA   H N N 169 
ILE HB   H N N 170 
ILE HG12 H N N 171 
ILE HG13 H N N 172 
ILE HG21 H N N 173 
ILE HG22 H N N 174 
ILE HG23 H N N 175 
ILE HD11 H N N 176 
ILE HD12 H N N 177 
ILE HD13 H N N 178 
ILE HXT  H N N 179 
LEU N    N N N 180 
LEU CA   C N S 181 
LEU C    C N N 182 
LEU O    O N N 183 
LEU CB   C N N 184 
LEU CG   C N N 185 
LEU CD1  C N N 186 
LEU CD2  C N N 187 
LEU OXT  O N N 188 
LEU H    H N N 189 
LEU H2   H N N 190 
LEU HA   H N N 191 
LEU HB2  H N N 192 
LEU HB3  H N N 193 
LEU HG   H N N 194 
LEU HD11 H N N 195 
LEU HD12 H N N 196 
LEU HD13 H N N 197 
LEU HD21 H N N 198 
LEU HD22 H N N 199 
LEU HD23 H N N 200 
LEU HXT  H N N 201 
LYS N    N N N 202 
LYS CA   C N S 203 
LYS C    C N N 204 
LYS O    O N N 205 
LYS CB   C N N 206 
LYS CG   C N N 207 
LYS CD   C N N 208 
LYS CE   C N N 209 
LYS NZ   N N N 210 
LYS OXT  O N N 211 
LYS H    H N N 212 
LYS H2   H N N 213 
LYS HA   H N N 214 
LYS HB2  H N N 215 
LYS HB3  H N N 216 
LYS HG2  H N N 217 
LYS HG3  H N N 218 
LYS HD2  H N N 219 
LYS HD3  H N N 220 
LYS HE2  H N N 221 
LYS HE3  H N N 222 
LYS HZ1  H N N 223 
LYS HZ2  H N N 224 
LYS HZ3  H N N 225 
LYS HXT  H N N 226 
MET N    N N N 227 
MET CA   C N S 228 
MET C    C N N 229 
MET O    O N N 230 
MET CB   C N N 231 
MET CG   C N N 232 
MET SD   S N N 233 
MET CE   C N N 234 
MET OXT  O N N 235 
MET H    H N N 236 
MET H2   H N N 237 
MET HA   H N N 238 
MET HB2  H N N 239 
MET HB3  H N N 240 
MET HG2  H N N 241 
MET HG3  H N N 242 
MET HE1  H N N 243 
MET HE2  H N N 244 
MET HE3  H N N 245 
MET HXT  H N N 246 
PHE N    N N N 247 
PHE CA   C N S 248 
PHE C    C N N 249 
PHE O    O N N 250 
PHE CB   C N N 251 
PHE CG   C Y N 252 
PHE CD1  C Y N 253 
PHE CD2  C Y N 254 
PHE CE1  C Y N 255 
PHE CE2  C Y N 256 
PHE CZ   C Y N 257 
PHE OXT  O N N 258 
PHE H    H N N 259 
PHE H2   H N N 260 
PHE HA   H N N 261 
PHE HB2  H N N 262 
PHE HB3  H N N 263 
PHE HD1  H N N 264 
PHE HD2  H N N 265 
PHE HE1  H N N 266 
PHE HE2  H N N 267 
PHE HZ   H N N 268 
PHE HXT  H N N 269 
PRO N    N N N 270 
PRO CA   C N S 271 
PRO C    C N N 272 
PRO O    O N N 273 
PRO CB   C N N 274 
PRO CG   C N N 275 
PRO CD   C N N 276 
PRO OXT  O N N 277 
PRO H    H N N 278 
PRO HA   H N N 279 
PRO HB2  H N N 280 
PRO HB3  H N N 281 
PRO HG2  H N N 282 
PRO HG3  H N N 283 
PRO HD2  H N N 284 
PRO HD3  H N N 285 
PRO HXT  H N N 286 
SER N    N N N 287 
SER CA   C N S 288 
SER C    C N N 289 
SER O    O N N 290 
SER CB   C N N 291 
SER OG   O N N 292 
SER OXT  O N N 293 
SER H    H N N 294 
SER H2   H N N 295 
SER HA   H N N 296 
SER HB2  H N N 297 
SER HB3  H N N 298 
SER HG   H N N 299 
SER HXT  H N N 300 
THR N    N N N 301 
THR CA   C N S 302 
THR C    C N N 303 
THR O    O N N 304 
THR CB   C N R 305 
THR OG1  O N N 306 
THR CG2  C N N 307 
THR OXT  O N N 308 
THR H    H N N 309 
THR H2   H N N 310 
THR HA   H N N 311 
THR HB   H N N 312 
THR HG1  H N N 313 
THR HG21 H N N 314 
THR HG22 H N N 315 
THR HG23 H N N 316 
THR HXT  H N N 317 
TRP N    N N N 318 
TRP CA   C N S 319 
TRP C    C N N 320 
TRP O    O N N 321 
TRP CB   C N N 322 
TRP CG   C Y N 323 
TRP CD1  C Y N 324 
TRP CD2  C Y N 325 
TRP NE1  N Y N 326 
TRP CE2  C Y N 327 
TRP CE3  C Y N 328 
TRP CZ2  C Y N 329 
TRP CZ3  C Y N 330 
TRP CH2  C Y N 331 
TRP OXT  O N N 332 
TRP H    H N N 333 
TRP H2   H N N 334 
TRP HA   H N N 335 
TRP HB2  H N N 336 
TRP HB3  H N N 337 
TRP HD1  H N N 338 
TRP HE1  H N N 339 
TRP HE3  H N N 340 
TRP HZ2  H N N 341 
TRP HZ3  H N N 342 
TRP HH2  H N N 343 
TRP HXT  H N N 344 
TYR N    N N N 345 
TYR CA   C N S 346 
TYR C    C N N 347 
TYR O    O N N 348 
TYR CB   C N N 349 
TYR CG   C Y N 350 
TYR CD1  C Y N 351 
TYR CD2  C Y N 352 
TYR CE1  C Y N 353 
TYR CE2  C Y N 354 
TYR CZ   C Y N 355 
TYR OH   O N N 356 
TYR OXT  O N N 357 
TYR H    H N N 358 
TYR H2   H N N 359 
TYR HA   H N N 360 
TYR HB2  H N N 361 
TYR HB3  H N N 362 
TYR HD1  H N N 363 
TYR HD2  H N N 364 
TYR HE1  H N N 365 
TYR HE2  H N N 366 
TYR HH   H N N 367 
TYR HXT  H N N 368 
VAL N    N N N 369 
VAL CA   C N S 370 
VAL C    C N N 371 
VAL O    O N N 372 
VAL CB   C N N 373 
VAL CG1  C N N 374 
VAL CG2  C N N 375 
VAL OXT  O N N 376 
VAL H    H N N 377 
VAL H2   H N N 378 
VAL HA   H N N 379 
VAL HB   H N N 380 
VAL HG11 H N N 381 
VAL HG12 H N N 382 
VAL HG13 H N N 383 
VAL HG21 H N N 384 
VAL HG22 H N N 385 
VAL HG23 H N N 386 
VAL HXT  H N N 387 
# 
loop_
_chem_comp_bond.comp_id 
_chem_comp_bond.atom_id_1 
_chem_comp_bond.atom_id_2 
_chem_comp_bond.value_order 
_chem_comp_bond.pdbx_aromatic_flag 
_chem_comp_bond.pdbx_stereo_config 
_chem_comp_bond.pdbx_ordinal 
ALA N   CA   sing N N 1   
ALA N   H    sing N N 2   
ALA N   H2   sing N N 3   
ALA CA  C    sing N N 4   
ALA CA  CB   sing N N 5   
ALA CA  HA   sing N N 6   
ALA C   O    doub N N 7   
ALA C   OXT  sing N N 8   
ALA CB  HB1  sing N N 9   
ALA CB  HB2  sing N N 10  
ALA CB  HB3  sing N N 11  
ALA OXT HXT  sing N N 12  
ARG N   CA   sing N N 13  
ARG N   H    sing N N 14  
ARG N   H2   sing N N 15  
ARG CA  C    sing N N 16  
ARG CA  CB   sing N N 17  
ARG CA  HA   sing N N 18  
ARG C   O    doub N N 19  
ARG C   OXT  sing N N 20  
ARG CB  CG   sing N N 21  
ARG CB  HB2  sing N N 22  
ARG CB  HB3  sing N N 23  
ARG CG  CD   sing N N 24  
ARG CG  HG2  sing N N 25  
ARG CG  HG3  sing N N 26  
ARG CD  NE   sing N N 27  
ARG CD  HD2  sing N N 28  
ARG CD  HD3  sing N N 29  
ARG NE  CZ   sing N N 30  
ARG NE  HE   sing N N 31  
ARG CZ  NH1  sing N N 32  
ARG CZ  NH2  doub N N 33  
ARG NH1 HH11 sing N N 34  
ARG NH1 HH12 sing N N 35  
ARG NH2 HH21 sing N N 36  
ARG NH2 HH22 sing N N 37  
ARG OXT HXT  sing N N 38  
ASN N   CA   sing N N 39  
ASN N   H    sing N N 40  
ASN N   H2   sing N N 41  
ASN CA  C    sing N N 42  
ASN CA  CB   sing N N 43  
ASN CA  HA   sing N N 44  
ASN C   O    doub N N 45  
ASN C   OXT  sing N N 46  
ASN CB  CG   sing N N 47  
ASN CB  HB2  sing N N 48  
ASN CB  HB3  sing N N 49  
ASN CG  OD1  doub N N 50  
ASN CG  ND2  sing N N 51  
ASN ND2 HD21 sing N N 52  
ASN ND2 HD22 sing N N 53  
ASN OXT HXT  sing N N 54  
ASP N   CA   sing N N 55  
ASP N   H    sing N N 56  
ASP N   H2   sing N N 57  
ASP CA  C    sing N N 58  
ASP CA  CB   sing N N 59  
ASP CA  HA   sing N N 60  
ASP C   O    doub N N 61  
ASP C   OXT  sing N N 62  
ASP CB  CG   sing N N 63  
ASP CB  HB2  sing N N 64  
ASP CB  HB3  sing N N 65  
ASP CG  OD1  doub N N 66  
ASP CG  OD2  sing N N 67  
ASP OD2 HD2  sing N N 68  
ASP OXT HXT  sing N N 69  
CYS N   CA   sing N N 70  
CYS N   H    sing N N 71  
CYS N   H2   sing N N 72  
CYS CA  C    sing N N 73  
CYS CA  CB   sing N N 74  
CYS CA  HA   sing N N 75  
CYS C   O    doub N N 76  
CYS C   OXT  sing N N 77  
CYS CB  SG   sing N N 78  
CYS CB  HB2  sing N N 79  
CYS CB  HB3  sing N N 80  
CYS SG  HG   sing N N 81  
CYS OXT HXT  sing N N 82  
GLN N   CA   sing N N 83  
GLN N   H    sing N N 84  
GLN N   H2   sing N N 85  
GLN CA  C    sing N N 86  
GLN CA  CB   sing N N 87  
GLN CA  HA   sing N N 88  
GLN C   O    doub N N 89  
GLN C   OXT  sing N N 90  
GLN CB  CG   sing N N 91  
GLN CB  HB2  sing N N 92  
GLN CB  HB3  sing N N 93  
GLN CG  CD   sing N N 94  
GLN CG  HG2  sing N N 95  
GLN CG  HG3  sing N N 96  
GLN CD  OE1  doub N N 97  
GLN CD  NE2  sing N N 98  
GLN NE2 HE21 sing N N 99  
GLN NE2 HE22 sing N N 100 
GLN OXT HXT  sing N N 101 
GLU N   CA   sing N N 102 
GLU N   H    sing N N 103 
GLU N   H2   sing N N 104 
GLU CA  C    sing N N 105 
GLU CA  CB   sing N N 106 
GLU CA  HA   sing N N 107 
GLU C   O    doub N N 108 
GLU C   OXT  sing N N 109 
GLU CB  CG   sing N N 110 
GLU CB  HB2  sing N N 111 
GLU CB  HB3  sing N N 112 
GLU CG  CD   sing N N 113 
GLU CG  HG2  sing N N 114 
GLU CG  HG3  sing N N 115 
GLU CD  OE1  doub N N 116 
GLU CD  OE2  sing N N 117 
GLU OE2 HE2  sing N N 118 
GLU OXT HXT  sing N N 119 
GLY N   CA   sing N N 120 
GLY N   H    sing N N 121 
GLY N   H2   sing N N 122 
GLY CA  C    sing N N 123 
GLY CA  HA2  sing N N 124 
GLY CA  HA3  sing N N 125 
GLY C   O    doub N N 126 
GLY C   OXT  sing N N 127 
GLY OXT HXT  sing N N 128 
HIS N   CA   sing N N 129 
HIS N   H    sing N N 130 
HIS N   H2   sing N N 131 
HIS CA  C    sing N N 132 
HIS CA  CB   sing N N 133 
HIS CA  HA   sing N N 134 
HIS C   O    doub N N 135 
HIS C   OXT  sing N N 136 
HIS CB  CG   sing N N 137 
HIS CB  HB2  sing N N 138 
HIS CB  HB3  sing N N 139 
HIS CG  ND1  sing Y N 140 
HIS CG  CD2  doub Y N 141 
HIS ND1 CE1  doub Y N 142 
HIS ND1 HD1  sing N N 143 
HIS CD2 NE2  sing Y N 144 
HIS CD2 HD2  sing N N 145 
HIS CE1 NE2  sing Y N 146 
HIS CE1 HE1  sing N N 147 
HIS NE2 HE2  sing N N 148 
HIS OXT HXT  sing N N 149 
ILE N   CA   sing N N 150 
ILE N   H    sing N N 151 
ILE N   H2   sing N N 152 
ILE CA  C    sing N N 153 
ILE CA  CB   sing N N 154 
ILE CA  HA   sing N N 155 
ILE C   O    doub N N 156 
ILE C   OXT  sing N N 157 
ILE CB  CG1  sing N N 158 
ILE CB  CG2  sing N N 159 
ILE CB  HB   sing N N 160 
ILE CG1 CD1  sing N N 161 
ILE CG1 HG12 sing N N 162 
ILE CG1 HG13 sing N N 163 
ILE CG2 HG21 sing N N 164 
ILE CG2 HG22 sing N N 165 
ILE CG2 HG23 sing N N 166 
ILE CD1 HD11 sing N N 167 
ILE CD1 HD12 sing N N 168 
ILE CD1 HD13 sing N N 169 
ILE OXT HXT  sing N N 170 
LEU N   CA   sing N N 171 
LEU N   H    sing N N 172 
LEU N   H2   sing N N 173 
LEU CA  C    sing N N 174 
LEU CA  CB   sing N N 175 
LEU CA  HA   sing N N 176 
LEU C   O    doub N N 177 
LEU C   OXT  sing N N 178 
LEU CB  CG   sing N N 179 
LEU CB  HB2  sing N N 180 
LEU CB  HB3  sing N N 181 
LEU CG  CD1  sing N N 182 
LEU CG  CD2  sing N N 183 
LEU CG  HG   sing N N 184 
LEU CD1 HD11 sing N N 185 
LEU CD1 HD12 sing N N 186 
LEU CD1 HD13 sing N N 187 
LEU CD2 HD21 sing N N 188 
LEU CD2 HD22 sing N N 189 
LEU CD2 HD23 sing N N 190 
LEU OXT HXT  sing N N 191 
LYS N   CA   sing N N 192 
LYS N   H    sing N N 193 
LYS N   H2   sing N N 194 
LYS CA  C    sing N N 195 
LYS CA  CB   sing N N 196 
LYS CA  HA   sing N N 197 
LYS C   O    doub N N 198 
LYS C   OXT  sing N N 199 
LYS CB  CG   sing N N 200 
LYS CB  HB2  sing N N 201 
LYS CB  HB3  sing N N 202 
LYS CG  CD   sing N N 203 
LYS CG  HG2  sing N N 204 
LYS CG  HG3  sing N N 205 
LYS CD  CE   sing N N 206 
LYS CD  HD2  sing N N 207 
LYS CD  HD3  sing N N 208 
LYS CE  NZ   sing N N 209 
LYS CE  HE2  sing N N 210 
LYS CE  HE3  sing N N 211 
LYS NZ  HZ1  sing N N 212 
LYS NZ  HZ2  sing N N 213 
LYS NZ  HZ3  sing N N 214 
LYS OXT HXT  sing N N 215 
MET N   CA   sing N N 216 
MET N   H    sing N N 217 
MET N   H2   sing N N 218 
MET CA  C    sing N N 219 
MET CA  CB   sing N N 220 
MET CA  HA   sing N N 221 
MET C   O    doub N N 222 
MET C   OXT  sing N N 223 
MET CB  CG   sing N N 224 
MET CB  HB2  sing N N 225 
MET CB  HB3  sing N N 226 
MET CG  SD   sing N N 227 
MET CG  HG2  sing N N 228 
MET CG  HG3  sing N N 229 
MET SD  CE   sing N N 230 
MET CE  HE1  sing N N 231 
MET CE  HE2  sing N N 232 
MET CE  HE3  sing N N 233 
MET OXT HXT  sing N N 234 
PHE N   CA   sing N N 235 
PHE N   H    sing N N 236 
PHE N   H2   sing N N 237 
PHE CA  C    sing N N 238 
PHE CA  CB   sing N N 239 
PHE CA  HA   sing N N 240 
PHE C   O    doub N N 241 
PHE C   OXT  sing N N 242 
PHE CB  CG   sing N N 243 
PHE CB  HB2  sing N N 244 
PHE CB  HB3  sing N N 245 
PHE CG  CD1  doub Y N 246 
PHE CG  CD2  sing Y N 247 
PHE CD1 CE1  sing Y N 248 
PHE CD1 HD1  sing N N 249 
PHE CD2 CE2  doub Y N 250 
PHE CD2 HD2  sing N N 251 
PHE CE1 CZ   doub Y N 252 
PHE CE1 HE1  sing N N 253 
PHE CE2 CZ   sing Y N 254 
PHE CE2 HE2  sing N N 255 
PHE CZ  HZ   sing N N 256 
PHE OXT HXT  sing N N 257 
PRO N   CA   sing N N 258 
PRO N   CD   sing N N 259 
PRO N   H    sing N N 260 
PRO CA  C    sing N N 261 
PRO CA  CB   sing N N 262 
PRO CA  HA   sing N N 263 
PRO C   O    doub N N 264 
PRO C   OXT  sing N N 265 
PRO CB  CG   sing N N 266 
PRO CB  HB2  sing N N 267 
PRO CB  HB3  sing N N 268 
PRO CG  CD   sing N N 269 
PRO CG  HG2  sing N N 270 
PRO CG  HG3  sing N N 271 
PRO CD  HD2  sing N N 272 
PRO CD  HD3  sing N N 273 
PRO OXT HXT  sing N N 274 
SER N   CA   sing N N 275 
SER N   H    sing N N 276 
SER N   H2   sing N N 277 
SER CA  C    sing N N 278 
SER CA  CB   sing N N 279 
SER CA  HA   sing N N 280 
SER C   O    doub N N 281 
SER C   OXT  sing N N 282 
SER CB  OG   sing N N 283 
SER CB  HB2  sing N N 284 
SER CB  HB3  sing N N 285 
SER OG  HG   sing N N 286 
SER OXT HXT  sing N N 287 
THR N   CA   sing N N 288 
THR N   H    sing N N 289 
THR N   H2   sing N N 290 
THR CA  C    sing N N 291 
THR CA  CB   sing N N 292 
THR CA  HA   sing N N 293 
THR C   O    doub N N 294 
THR C   OXT  sing N N 295 
THR CB  OG1  sing N N 296 
THR CB  CG2  sing N N 297 
THR CB  HB   sing N N 298 
THR OG1 HG1  sing N N 299 
THR CG2 HG21 sing N N 300 
THR CG2 HG22 sing N N 301 
THR CG2 HG23 sing N N 302 
THR OXT HXT  sing N N 303 
TRP N   CA   sing N N 304 
TRP N   H    sing N N 305 
TRP N   H2   sing N N 306 
TRP CA  C    sing N N 307 
TRP CA  CB   sing N N 308 
TRP CA  HA   sing N N 309 
TRP C   O    doub N N 310 
TRP C   OXT  sing N N 311 
TRP CB  CG   sing N N 312 
TRP CB  HB2  sing N N 313 
TRP CB  HB3  sing N N 314 
TRP CG  CD1  doub Y N 315 
TRP CG  CD2  sing Y N 316 
TRP CD1 NE1  sing Y N 317 
TRP CD1 HD1  sing N N 318 
TRP CD2 CE2  doub Y N 319 
TRP CD2 CE3  sing Y N 320 
TRP NE1 CE2  sing Y N 321 
TRP NE1 HE1  sing N N 322 
TRP CE2 CZ2  sing Y N 323 
TRP CE3 CZ3  doub Y N 324 
TRP CE3 HE3  sing N N 325 
TRP CZ2 CH2  doub Y N 326 
TRP CZ2 HZ2  sing N N 327 
TRP CZ3 CH2  sing Y N 328 
TRP CZ3 HZ3  sing N N 329 
TRP CH2 HH2  sing N N 330 
TRP OXT HXT  sing N N 331 
TYR N   CA   sing N N 332 
TYR N   H    sing N N 333 
TYR N   H2   sing N N 334 
TYR CA  C    sing N N 335 
TYR CA  CB   sing N N 336 
TYR CA  HA   sing N N 337 
TYR C   O    doub N N 338 
TYR C   OXT  sing N N 339 
TYR CB  CG   sing N N 340 
TYR CB  HB2  sing N N 341 
TYR CB  HB3  sing N N 342 
TYR CG  CD1  doub Y N 343 
TYR CG  CD2  sing Y N 344 
TYR CD1 CE1  sing Y N 345 
TYR CD1 HD1  sing N N 346 
TYR CD2 CE2  doub Y N 347 
TYR CD2 HD2  sing N N 348 
TYR CE1 CZ   doub Y N 349 
TYR CE1 HE1  sing N N 350 
TYR CE2 CZ   sing Y N 351 
TYR CE2 HE2  sing N N 352 
TYR CZ  OH   sing N N 353 
TYR OH  HH   sing N N 354 
TYR OXT HXT  sing N N 355 
VAL N   CA   sing N N 356 
VAL N   H    sing N N 357 
VAL N   H2   sing N N 358 
VAL CA  C    sing N N 359 
VAL CA  CB   sing N N 360 
VAL CA  HA   sing N N 361 
VAL C   O    doub N N 362 
VAL C   OXT  sing N N 363 
VAL CB  CG1  sing N N 364 
VAL CB  CG2  sing N N 365 
VAL CB  HB   sing N N 366 
VAL CG1 HG11 sing N N 367 
VAL CG1 HG12 sing N N 368 
VAL CG1 HG13 sing N N 369 
VAL CG2 HG21 sing N N 370 
VAL CG2 HG22 sing N N 371 
VAL CG2 HG23 sing N N 372 
VAL OXT HXT  sing N N 373 
# 
_em_ctf_correction.id        1 
_em_ctf_correction.details   'Each filament segment' 
_em_ctf_correction.type      . 
# 
_em_entity_assembly_molwt.entity_assembly_id   1 
_em_entity_assembly_molwt.id                   1 
_em_entity_assembly_molwt.experimental_flag    NO 
_em_entity_assembly_molwt.value                0.546 
_em_entity_assembly_molwt.units                MEGADALTONS 
# 
_em_helical_entity.id                             1 
_em_helical_entity.image_processing_id            1 
_em_helical_entity.axial_symmetry                 C3 
_em_helical_entity.angular_rotation_per_subunit   53.6 
_em_helical_entity.axial_rise_per_subunit         16.8 
_em_helical_entity.details                        ? 
# 
_em_image_processing.id                   1 
_em_image_processing.image_recording_id   1 
_em_image_processing.details              ? 
# 
_em_image_recording.avg_electron_dose_per_image   20 
_em_image_recording.details                       ? 
_em_image_recording.id                            1 
_em_image_recording.film_or_detector_model        'KODAK SO-163 FILM' 
_em_image_recording.imaging_id                    1 
_em_image_recording.detector_mode                 ? 
_em_image_recording.average_exposure_time         ? 
_em_image_recording.num_diffraction_images        ? 
_em_image_recording.num_grids_imaged              ? 
_em_image_recording.num_real_images               ? 
# 
_em_imaging_optics.id                   1 
_em_imaging_optics.energyfilter_name    FEI 
_em_imaging_optics.energyfilter_upper   35 
_em_imaging_optics.energyfilter_lower   0 
_em_imaging_optics.imaging_id           1 
# 
loop_
_em_software.id 
_em_software.name 
_em_software.version 
_em_software.category 
_em_software.details 
_em_software.image_processing_id 
1 Situs          ?  'MODEL FITTING' ? ? 
2 'UCSF Chimera' ?  'MODEL FITTING' ? ? 
3 EMAN           ?  RECONSTRUCTION  ? 1 
4 IMAGIC         4D RECONSTRUCTION  ? 1 
5 MRC            ?  RECONSTRUCTION  ? 1 
6 SPIDER         ?  RECONSTRUCTION  ? 1 
# 
_em_specimen.experiment_id           1 
_em_specimen.id                      1 
_em_specimen.concentration           ? 
_em_specimen.vitrification_applied   YES 
_em_specimen.staining_applied        NO 
_em_specimen.embedding_applied       NO 
_em_specimen.shadowing_applied       NO 
_em_specimen.details                 ? 
# 
_pdbx_initial_refinement_model.id               1 
_pdbx_initial_refinement_model.type             'experimental model' 
_pdbx_initial_refinement_model.source_name      PDB 
_pdbx_initial_refinement_model.accession_code   2VGQ 
# 
_atom_sites.entry_id                    3J6C 
_atom_sites.fract_transf_matrix[1][1]   1.000000 
_atom_sites.fract_transf_matrix[1][2]   0.000000 
_atom_sites.fract_transf_matrix[1][3]   0.000000 
_atom_sites.fract_transf_matrix[2][1]   0.000000 
_atom_sites.fract_transf_matrix[2][2]   1.000000 
_atom_sites.fract_transf_matrix[2][3]   0.000000 
_atom_sites.fract_transf_matrix[3][1]   0.000000 
_atom_sites.fract_transf_matrix[3][2]   0.000000 
_atom_sites.fract_transf_matrix[3][3]   1.000000 
_atom_sites.fract_transf_vector[1]      0.00000 
_atom_sites.fract_transf_vector[2]      0.00000 
_atom_sites.fract_transf_vector[3]      0.00000 
# 
loop_
_atom_type.symbol 
C 
N 
O 
S 
# 
loop_
_atom_site.group_PDB 
_atom_site.id 
_atom_site.type_symbol 
_atom_site.label_atom_id 
_atom_site.label_alt_id 
_atom_site.label_comp_id 
_atom_site.label_asym_id 
_atom_site.label_entity_id 
_atom_site.label_seq_id 
_atom_site.pdbx_PDB_ins_code 
_atom_site.Cartn_x 
_atom_site.Cartn_y 
_atom_site.Cartn_z 
_atom_site.occupancy 
_atom_site.B_iso_or_equiv 
_atom_site.pdbx_formal_charge 
_atom_site.auth_seq_id 
_atom_site.auth_comp_id 
_atom_site.auth_asym_id 
_atom_site.auth_atom_id 
_atom_site.pdbx_PDB_model_num 
ATOM 1   N N   . MET A 1 1  ? -16.885 7.051   -2.025  1.00 21.45 ? 370 MET A N   1 
ATOM 2   C CA  . MET A 1 1  ? -15.448 6.892   -1.682  1.00 21.78 ? 370 MET A CA  1 
ATOM 3   C C   . MET A 1 1  ? -15.205 5.672   -0.737  1.00 20.86 ? 370 MET A C   1 
ATOM 4   O O   . MET A 1 1  ? -14.347 4.806   -1.028  1.00 20.55 ? 370 MET A O   1 
ATOM 5   C CB  . MET A 1 1  ? -14.911 8.206   -1.079  1.00 22.19 ? 370 MET A CB  1 
ATOM 6   C CG  . MET A 1 1  ? -13.426 8.243   -0.726  1.00 25.66 ? 370 MET A CG  1 
ATOM 7   S SD  . MET A 1 1  ? -12.389 7.956   -2.156  1.00 29.63 ? 370 MET A SD  1 
ATOM 8   C CE  . MET A 1 1  ? -12.505 9.579   -2.956  1.00 27.06 ? 370 MET A CE  1 
ATOM 9   N N   . ALA A 1 2  ? -15.936 5.603   0.375   1.00 20.08 ? 371 ALA A N   1 
ATOM 10  C CA  . ALA A 1 2  ? -15.845 4.442   1.281   1.00 19.94 ? 371 ALA A CA  1 
ATOM 11  C C   . ALA A 1 2  ? -16.042 3.104   0.580   1.00 19.62 ? 371 ALA A C   1 
ATOM 12  O O   . ALA A 1 2  ? -15.250 2.186   0.803   1.00 19.05 ? 371 ALA A O   1 
ATOM 13  C CB  . ALA A 1 2  ? -16.839 4.542   2.501   1.00 19.86 ? 371 ALA A CB  1 
ATOM 14  N N   . PHE A 1 3  ? -17.119 2.963   -0.206  1.00 18.88 ? 372 PHE A N   1 
ATOM 15  C CA  . PHE A 1 3  ? -17.378 1.678   -0.886  1.00 18.36 ? 372 PHE A CA  1 
ATOM 16  C C   . PHE A 1 3  ? -16.181 1.317   -1.740  1.00 17.52 ? 372 PHE A C   1 
ATOM 17  O O   . PHE A 1 3  ? -15.728 0.184   -1.734  1.00 17.17 ? 372 PHE A O   1 
ATOM 18  C CB  . PHE A 1 3  ? -18.630 1.680   -1.802  1.00 18.52 ? 372 PHE A CB  1 
ATOM 19  C CG  . PHE A 1 3  ? -19.887 2.224   -1.162  1.00 18.56 ? 372 PHE A CG  1 
ATOM 20  C CD1 . PHE A 1 3  ? -20.146 2.071   0.199   1.00 19.66 ? 372 PHE A CD1 1 
ATOM 21  C CD2 . PHE A 1 3  ? -20.819 2.893   -1.952  1.00 21.21 ? 372 PHE A CD2 1 
ATOM 22  C CE1 . PHE A 1 3  ? -21.319 2.574   0.774   1.00 19.58 ? 372 PHE A CE1 1 
ATOM 23  C CE2 . PHE A 1 3  ? -21.998 3.417   -1.385  1.00 22.29 ? 372 PHE A CE2 1 
ATOM 24  C CZ  . PHE A 1 3  ? -22.246 3.241   -0.044  1.00 19.69 ? 372 PHE A CZ  1 
ATOM 25  N N   . ALA A 1 4  ? -15.685 2.290   -2.499  1.00 17.06 ? 373 ALA A N   1 
ATOM 26  C CA  . ALA A 1 4  ? -14.588 2.048   -3.450  1.00 16.91 ? 373 ALA A CA  1 
ATOM 27  C C   . ALA A 1 4  ? -13.264 1.700   -2.776  1.00 17.40 ? 373 ALA A C   1 
ATOM 28  O O   . ALA A 1 4  ? -12.535 0.803   -3.238  1.00 16.91 ? 373 ALA A O   1 
ATOM 29  C CB  . ALA A 1 4  ? -14.434 3.247   -4.434  1.00 16.13 ? 373 ALA A CB  1 
ATOM 30  N N   . GLU A 1 5  ? -12.937 2.426   -1.705  1.00 16.93 ? 374 GLU A N   1 
ATOM 31  C CA  . GLU A 1 5  ? -11.747 2.117   -0.908  1.00 18.26 ? 374 GLU A CA  1 
ATOM 32  C C   . GLU A 1 5  ? -11.835 0.743   -0.225  1.00 18.12 ? 374 GLU A C   1 
ATOM 33  O O   . GLU A 1 5  ? -10.860 -0.024  -0.248  1.00 17.50 ? 374 GLU A O   1 
ATOM 34  C CB  . GLU A 1 5  ? -11.495 3.213   0.145   1.00 16.14 ? 374 GLU A CB  1 
ATOM 35  C CG  . GLU A 1 5  ? -11.124 4.577   -0.440  1.00 16.30 ? 374 GLU A CG  1 
ATOM 36  C CD  . GLU A 1 5  ? -11.021 5.680   0.637   1.00 20.69 ? 374 GLU A CD  1 
ATOM 37  O OE1 . GLU A 1 5  ? -11.716 5.586   1.670   1.00 25.42 ? 374 GLU A OE1 1 
ATOM 38  O OE2 . GLU A 1 5  ? -10.262 6.655   0.432   1.00 24.85 ? 374 GLU A OE2 1 
ATOM 39  N N   . ASP A 1 6  ? -12.975 0.441   0.396   1.00 19.06 ? 375 ASP A N   1 
ATOM 40  C CA  . ASP A 1 6  ? -13.184 -0.870  1.049   1.00 20.43 ? 375 ASP A CA  1 
ATOM 41  C C   . ASP A 1 6  ? -13.023 -2.004  0.035   1.00 20.60 ? 375 ASP A C   1 
ATOM 42  O O   . ASP A 1 6  ? -12.282 -2.969  0.273   1.00 20.20 ? 375 ASP A O   1 
ATOM 43  C CB  . ASP A 1 6  ? -14.565 -0.956  1.716   1.00 21.48 ? 375 ASP A CB  1 
ATOM 44  C CG  . ASP A 1 6  ? -14.708 0.017   2.920   1.00 26.53 ? 375 ASP A CG  1 
ATOM 45  O OD1 . ASP A 1 6  ? -13.656 0.447   3.477   1.00 25.25 ? 375 ASP A OD1 1 
ATOM 46  O OD2 . ASP A 1 6  ? -15.862 0.370   3.290   1.00 29.34 ? 375 ASP A OD2 1 
ATOM 47  N N   . LYS A 1 7  ? -13.688 -1.870  -1.109  1.00 20.15 ? 376 LYS A N   1 
ATOM 48  C CA  . LYS A 1 7  ? -13.509 -2.833  -2.183  1.00 20.63 ? 376 LYS A CA  1 
ATOM 49  C C   . LYS A 1 7  ? -12.030 -3.005  -2.609  1.00 19.13 ? 376 LYS A C   1 
ATOM 50  O O   . LYS A 1 7  ? -11.575 -4.104  -2.920  1.00 19.04 ? 376 LYS A O   1 
ATOM 51  C CB  . LYS A 1 7  ? -14.368 -2.396  -3.381  1.00 21.35 ? 376 LYS A CB  1 
ATOM 52  C CG  . LYS A 1 7  ? -14.140 -3.193  -4.682  1.00 24.59 ? 376 LYS A CG  1 
ATOM 53  C CD  . LYS A 1 7  ? -14.945 -2.585  -5.876  1.00 24.20 ? 376 LYS A CD  1 
ATOM 54  C CE  . LYS A 1 7  ? -14.589 -3.244  -7.243  1.00 26.92 ? 376 LYS A CE  1 
ATOM 55  N NZ  . LYS A 1 7  ? -15.663 -2.978  -8.286  1.00 29.31 ? 376 LYS A NZ  1 
ATOM 56  N N   . THR A 1 8  ? -11.283 -1.910  -2.698  1.00 18.21 ? 377 THR A N   1 
ATOM 57  C CA  . THR A 1 8  ? -9.880  -1.992  -3.127  1.00 16.35 ? 377 THR A CA  1 
ATOM 58  C C   . THR A 1 8  ? -9.030  -2.661  -2.064  1.00 17.32 ? 377 THR A C   1 
ATOM 59  O O   . THR A 1 8  ? -8.143  -3.445  -2.364  1.00 16.39 ? 377 THR A O   1 
ATOM 60  C CB  . THR A 1 8  ? -9.322  -0.595  -3.428  1.00 16.74 ? 377 THR A CB  1 
ATOM 61  O OG1 . THR A 1 8  ? -10.201 0.022   -4.373  1.00 13.86 ? 377 THR A OG1 1 
ATOM 62  C CG2 . THR A 1 8  ? -7.871  -0.694  -4.036  1.00 13.59 ? 377 THR A CG2 1 
ATOM 63  N N   . TYR A 1 9  ? -9.305  -2.341  -0.805  1.00 18.25 ? 378 TYR A N   1 
ATOM 64  C CA  . TYR A 1 9  ? -8.571  -2.937  0.310   1.00 20.14 ? 378 TYR A CA  1 
ATOM 65  C C   . TYR A 1 9  ? -8.858  -4.455  0.403   1.00 20.98 ? 378 TYR A C   1 
ATOM 66  O O   . TYR A 1 9  ? -7.917  -5.260  0.510   1.00 20.33 ? 378 TYR A O   1 
ATOM 67  C CB  . TYR A 1 9  ? -8.907  -2.249  1.643   1.00 20.52 ? 378 TYR A CB  1 
ATOM 68  C CG  . TYR A 1 9  ? -8.199  -2.916  2.818   1.00 21.45 ? 378 TYR A CG  1 
ATOM 69  C CD1 . TYR A 1 9  ? -6.797  -2.894  2.917   1.00 17.96 ? 378 TYR A CD1 1 
ATOM 70  C CD2 . TYR A 1 9  ? -8.926  -3.596  3.798   1.00 21.99 ? 378 TYR A CD2 1 
ATOM 71  C CE1 . TYR A 1 9  ? -6.135  -3.522  3.985   1.00 20.66 ? 378 TYR A CE1 1 
ATOM 72  C CE2 . TYR A 1 9  ? -8.276  -4.256  4.881   1.00 23.37 ? 378 TYR A CE2 1 
ATOM 73  C CZ  . TYR A 1 9  ? -6.891  -4.211  4.967   1.00 21.14 ? 378 TYR A CZ  1 
ATOM 74  O OH  . TYR A 1 9  ? -6.255  -4.828  6.016   1.00 21.44 ? 378 TYR A OH  1 
ATOM 75  N N   . LYS A 1 10 ? -10.138 -4.827  0.292   1.00 22.10 ? 379 LYS A N   1 
ATOM 76  C CA  . LYS A 1 10 ? -10.526 -6.232  0.198   1.00 23.22 ? 379 LYS A CA  1 
ATOM 77  C C   . LYS A 1 10 ? -9.803  -6.961  -0.950  1.00 22.38 ? 379 LYS A C   1 
ATOM 78  O O   . LYS A 1 10 ? -9.346  -8.079  -0.788  1.00 22.14 ? 379 LYS A O   1 
ATOM 79  C CB  . LYS A 1 10 ? -12.054 -6.386  0.035   1.00 25.34 ? 379 LYS A CB  1 
ATOM 80  C CG  . LYS A 1 10 ? -12.887 -5.953  1.270   1.00 30.29 ? 379 LYS A CG  1 
ATOM 81  C CD  . LYS A 1 10 ? -12.572 -6.786  2.551   1.00 35.22 ? 379 LYS A CD  1 
ATOM 82  C CE  . LYS A 1 10 ? -12.981 -6.047  3.856   1.00 35.12 ? 379 LYS A CE  1 
ATOM 83  N NZ  . LYS A 1 10 ? -11.969 -6.256  4.963   1.00 37.67 ? 379 LYS A NZ  1 
ATOM 84  N N   . TYR A 1 11 ? -9.699  -6.322  -2.109  1.00 22.50 ? 380 TYR A N   1 
ATOM 85  C CA  . TYR A 1 11 ? -9.013  -6.908  -3.254  1.00 22.26 ? 380 TYR A CA  1 
ATOM 86  C C   . TYR A 1 11 ? -7.505  -7.081  -2.992  1.00 23.13 ? 380 TYR A C   1 
ATOM 87  O O   . TYR A 1 11 ? -6.904  -8.097  -3.386  1.00 23.39 ? 380 TYR A O   1 
ATOM 88  C CB  . TYR A 1 11 ? -9.229  -6.045  -4.484  1.00 22.34 ? 380 TYR A CB  1 
ATOM 89  C CG  . TYR A 1 11 ? -8.446  -6.507  -5.671  1.00 23.12 ? 380 TYR A CG  1 
ATOM 90  C CD1 . TYR A 1 11 ? -8.993  -7.442  -6.557  1.00 24.15 ? 380 TYR A CD1 1 
ATOM 91  C CD2 . TYR A 1 11 ? -7.139  -6.049  -5.901  1.00 23.08 ? 380 TYR A CD2 1 
ATOM 92  C CE1 . TYR A 1 11 ? -8.284  -7.900  -7.645  1.00 25.37 ? 380 TYR A CE1 1 
ATOM 93  C CE2 . TYR A 1 11 ? -6.390  -6.525  -7.001  1.00 24.08 ? 380 TYR A CE2 1 
ATOM 94  C CZ  . TYR A 1 11 ? -6.985  -7.439  -7.871  1.00 25.97 ? 380 TYR A CZ  1 
ATOM 95  O OH  . TYR A 1 11 ? -6.299  -7.906  -8.995  1.00 25.82 ? 380 TYR A OH  1 
ATOM 96  N N   . ILE A 1 12 ? -6.886  -6.087  -2.362  1.00 23.15 ? 381 ILE A N   1 
ATOM 97  C CA  . ILE A 1 12 ? -5.466  -6.182  -2.036  1.00 24.69 ? 381 ILE A CA  1 
ATOM 98  C C   . ILE A 1 12 ? -5.235  -7.349  -1.066  1.00 25.50 ? 381 ILE A C   1 
ATOM 99  O O   . ILE A 1 12 ? -4.291  -8.133  -1.240  1.00 26.34 ? 381 ILE A O   1 
ATOM 100 C CB  . ILE A 1 12 ? -4.861  -4.850  -1.494  1.00 24.58 ? 381 ILE A CB  1 
ATOM 101 C CG1 . ILE A 1 12 ? -4.945  -3.758  -2.554  1.00 24.28 ? 381 ILE A CG1 1 
ATOM 102 C CG2 . ILE A 1 12 ? -3.425  -5.060  -1.038  1.00 25.96 ? 381 ILE A CG2 1 
ATOM 103 C CD1 . ILE A 1 12 ? -4.630  -2.345  -2.002  1.00 25.26 ? 381 ILE A CD1 1 
ATOM 104 N N   . CYS A 1 13 ? -6.099  -7.487  -0.071  1.00 25.57 ? 382 CYS A N   1 
ATOM 105 C CA  . CYS A 1 13 ? -5.978  -8.595  0.865   1.00 26.71 ? 382 CYS A CA  1 
ATOM 106 C C   . CYS A 1 13 ? -6.136  -9.961  0.201   1.00 27.34 ? 382 CYS A C   1 
ATOM 107 O O   . CYS A 1 13 ? -5.326  -10.855 0.460   1.00 27.95 ? 382 CYS A O   1 
ATOM 108 C CB  . CYS A 1 13 ? -6.920  -8.423  2.054   1.00 26.32 ? 382 CYS A CB  1 
ATOM 109 S SG  . CYS A 1 13 ? -6.398  -7.009  3.040   1.00 29.68 ? 382 CYS A SG  1 
ATOM 110 N N   . ARG A 1 14 ? -7.153  -10.135 -0.652  1.00 26.48 ? 383 ARG A N   1 
ATOM 111 C CA  . ARG A 1 14 ? -7.387  -11.442 -1.287  1.00 26.58 ? 383 ARG A CA  1 
ATOM 112 C C   . ARG A 1 14 ? -6.287  -11.804 -2.289  1.00 26.36 ? 383 ARG A C   1 
ATOM 113 O O   . ARG A 1 14 ? -6.026  -12.991 -2.542  1.00 25.49 ? 383 ARG A O   1 
ATOM 114 C CB  . ARG A 1 14 ? -8.794  -11.535 -1.904  1.00 26.27 ? 383 ARG A CB  1 
ATOM 115 C CG  . ARG A 1 14 ? -9.887  -11.374 -0.830  1.00 27.52 ? 383 ARG A CG  1 
ATOM 116 C CD  . ARG A 1 14 ? -11.311 -11.540 -1.341  1.00 27.55 ? 383 ARG A CD  1 
ATOM 117 N NE  . ARG A 1 14 ? -12.264 -10.863 -0.456  1.00 29.07 ? 383 ARG A NE  1 
ATOM 118 C CZ  . ARG A 1 14 ? -12.876 -11.426 0.587   1.00 32.00 ? 383 ARG A CZ  1 
ATOM 119 N NH1 . ARG A 1 14 ? -12.646 -12.692 0.908   1.00 31.33 ? 383 ARG A NH1 1 
ATOM 120 N NH2 . ARG A 1 14 ? -13.732 -10.720 1.316   1.00 32.15 ? 383 ARG A NH2 1 
ATOM 121 N N   . ASN A 1 15 ? -5.620  -10.771 -2.817  1.00 25.44 ? 384 ASN A N   1 
ATOM 122 C CA  . ASN A 1 15 ? -4.622  -10.921 -3.868  1.00 25.72 ? 384 ASN A CA  1 
ATOM 123 C C   . ASN A 1 15 ? -3.235  -10.471 -3.401  1.00 25.65 ? 384 ASN A C   1 
ATOM 124 O O   . ASN A 1 15 ? -2.428  -9.983  -4.192  1.00 25.48 ? 384 ASN A O   1 
ATOM 125 C CB  . ASN A 1 15 ? -5.080  -10.149 -5.109  1.00 25.89 ? 384 ASN A CB  1 
ATOM 126 C CG  . ASN A 1 15 ? -6.381  -10.718 -5.694  1.00 26.96 ? 384 ASN A CG  1 
ATOM 127 O OD1 . ASN A 1 15 ? -6.353  -11.718 -6.419  1.00 28.54 ? 384 ASN A OD1 1 
ATOM 128 N ND2 . ASN A 1 15 ? -7.522  -10.121 -5.336  1.00 23.31 ? 384 ASN A ND2 1 
ATOM 129 N N   . PHE A 1 16 ? -2.964  -10.719 -2.116  1.00 25.69 ? 385 PHE A N   1 
ATOM 130 C CA  . PHE A 1 16 ? -1.776  -10.214 -1.427  1.00 25.76 ? 385 PHE A CA  1 
ATOM 131 C C   . PHE A 1 16 ? -0.503  -10.566 -2.127  1.00 25.25 ? 385 PHE A C   1 
ATOM 132 O O   . PHE A 1 16 ? 0.392   -9.724  -2.218  1.00 24.28 ? 385 PHE A O   1 
ATOM 133 C CB  . PHE A 1 16 ? -1.724  -10.675 0.044   1.00 26.08 ? 385 PHE A CB  1 
ATOM 134 C CG  . PHE A 1 16 ? -0.511  -10.150 0.810   1.00 26.58 ? 385 PHE A CG  1 
ATOM 135 C CD1 . PHE A 1 16 ? -0.455  -8.810  1.230   1.00 28.69 ? 385 PHE A CD1 1 
ATOM 136 C CD2 . PHE A 1 16 ? 0.567   -10.994 1.108   1.00 28.03 ? 385 PHE A CD2 1 
ATOM 137 C CE1 . PHE A 1 16 ? 0.657   -8.308  1.918   1.00 27.36 ? 385 PHE A CE1 1 
ATOM 138 C CE2 . PHE A 1 16 ? 1.683   -10.521 1.817   1.00 28.19 ? 385 PHE A CE2 1 
ATOM 139 C CZ  . PHE A 1 16 ? 1.736   -9.154  2.211   1.00 28.93 ? 385 PHE A CZ  1 
ATOM 140 N N   . SER A 1 17 ? -0.438  -11.791 -2.656  1.00 25.10 ? 386 SER A N   1 
ATOM 141 C CA  . SER A 1 17 ? 0.762   -12.292 -3.305  1.00 25.07 ? 386 SER A CA  1 
ATOM 142 C C   . SER A 1 17 ? 1.090   -11.531 -4.596  1.00 24.93 ? 386 SER A C   1 
ATOM 143 O O   . SER A 1 17 ? 2.242   -11.516 -5.024  1.00 24.88 ? 386 SER A O   1 
ATOM 144 C CB  . SER A 1 17 ? 0.646   -13.807 -3.584  1.00 25.92 ? 386 SER A CB  1 
ATOM 145 O OG  . SER A 1 17 ? -0.242  -14.065 -4.681  1.00 26.94 ? 386 SER A OG  1 
ATOM 146 N N   . ASN A 1 18 ? 0.090   -10.903 -5.214  1.00 24.47 ? 387 ASN A N   1 
ATOM 147 C CA  . ASN A 1 18 ? 0.344   -10.015 -6.348  1.00 24.60 ? 387 ASN A CA  1 
ATOM 148 C C   . ASN A 1 18 ? 1.249   -8.849  -5.925  1.00 24.89 ? 387 ASN A C   1 
ATOM 149 O O   . ASN A 1 18 ? 2.077   -8.415  -6.702  1.00 24.67 ? 387 ASN A O   1 
ATOM 150 C CB  . ASN A 1 18 ? -0.964  -9.468  -6.915  1.00 24.32 ? 387 ASN A CB  1 
ATOM 151 C CG  . ASN A 1 18 ? -1.758  -10.509 -7.696  1.00 27.40 ? 387 ASN A CG  1 
ATOM 152 O OD1 . ASN A 1 18 ? -1.478  -11.713 -7.635  1.00 30.19 ? 387 ASN A OD1 1 
ATOM 153 N ND2 . ASN A 1 18 ? -2.761  -10.046 -8.437  1.00 27.66 ? 387 ASN A ND2 1 
ATOM 154 N N   . PHE A 1 19 ? 1.093   -8.409  -4.668  1.00 25.15 ? 388 PHE A N   1 
ATOM 155 C CA  . PHE A 1 19 ? 1.716   -7.200  -4.105  1.00 25.69 ? 388 PHE A CA  1 
ATOM 156 C C   . PHE A 1 19 ? 2.992   -7.428  -3.300  1.00 26.99 ? 388 PHE A C   1 
ATOM 157 O O   . PHE A 1 19 ? 3.555   -6.478  -2.764  1.00 27.42 ? 388 PHE A O   1 
ATOM 158 C CB  . PHE A 1 19 ? 0.707   -6.473  -3.239  1.00 24.30 ? 388 PHE A CB  1 
ATOM 159 C CG  . PHE A 1 19 ? -0.452  -5.932  -4.001  1.00 24.62 ? 388 PHE A CG  1 
ATOM 160 C CD1 . PHE A 1 19 ? -1.572  -6.727  -4.243  1.00 24.23 ? 388 PHE A CD1 1 
ATOM 161 C CD2 . PHE A 1 19 ? -0.411  -4.644  -4.534  1.00 24.98 ? 388 PHE A CD2 1 
ATOM 162 C CE1 . PHE A 1 19 ? -2.638  -6.258  -5.003  1.00 22.81 ? 388 PHE A CE1 1 
ATOM 163 C CE2 . PHE A 1 19 ? -1.473  -4.159  -5.276  1.00 23.91 ? 388 PHE A CE2 1 
ATOM 164 C CZ  . PHE A 1 19 ? -2.594  -4.976  -5.516  1.00 23.59 ? 388 PHE A CZ  1 
ATOM 165 N N   . CYS A 1 20 ? 3.490   -8.661  -3.236  1.00 28.44 ? 389 CYS A N   1 
ATOM 166 C CA  A CYS A 1 20 ? 4.664   -8.961  -2.413  0.50 29.15 ? 389 CYS A CA  1 
ATOM 167 C CA  B CYS A 1 20 ? 4.659   -8.913  -2.383  0.50 29.13 ? 389 CYS A CA  1 
ATOM 168 C C   . CYS A 1 20 ? 6.009   -8.501  -2.998  1.00 29.84 ? 389 CYS A C   1 
ATOM 169 O O   . CYS A 1 20 ? 7.029   -8.543  -2.327  1.00 30.37 ? 389 CYS A O   1 
ATOM 170 C CB  A CYS A 1 20 ? 4.684   -10.439 -2.039  0.50 29.31 ? 389 CYS A CB  1 
ATOM 171 C CB  B CYS A 1 20 ? 4.661   -10.315 -1.753  0.50 29.30 ? 389 CYS A CB  1 
ATOM 172 S SG  A CYS A 1 20 ? 3.417   -10.819 -0.812  0.50 28.44 ? 389 CYS A SG  1 
ATOM 173 S SG  B CYS A 1 20 ? 4.567   -11.740 -2.854  0.50 28.20 ? 389 CYS A SG  1 
ATOM 174 N N   . ASN A 1 21 ? 5.993   -8.077  -4.262  1.00 30.60 ? 390 ASN A N   1 
ATOM 175 C CA  A ASN A 1 21 ? 7.125   -7.366  -4.862  0.50 30.68 ? 390 ASN A CA  1 
ATOM 176 C CA  B ASN A 1 21 ? 7.126   -7.358  -4.869  0.50 30.72 ? 390 ASN A CA  1 
ATOM 177 C C   . ASN A 1 21 ? 7.267   -5.938  -4.334  1.00 30.61 ? 390 ASN A C   1 
ATOM 178 O O   . ASN A 1 21 ? 8.325   -5.327  -4.474  1.00 32.45 ? 390 ASN A O   1 
ATOM 179 C CB  A ASN A 1 21 ? 6.993   -7.330  -6.389  0.50 30.96 ? 390 ASN A CB  1 
ATOM 180 C CB  B ASN A 1 21 ? 6.970   -7.268  -6.392  0.50 31.09 ? 390 ASN A CB  1 
ATOM 181 C CG  A ASN A 1 21 ? 5.561   -7.074  -6.860  0.50 30.51 ? 390 ASN A CG  1 
ATOM 182 C CG  B ASN A 1 21 ? 7.718   -8.365  -7.130  0.50 30.57 ? 390 ASN A CG  1 
ATOM 183 O OD1 A ASN A 1 21 ? 4.597   -7.609  -6.302  0.50 26.33 ? 390 ASN A OD1 1 
ATOM 184 O OD1 B ASN A 1 21 ? 8.775   -8.824  -6.700  0.50 30.20 ? 390 ASN A OD1 1 
ATOM 185 N ND2 A ASN A 1 21 ? 5.428   -6.275  -7.920  0.50 31.18 ? 390 ASN A ND2 1 
ATOM 186 N ND2 B ASN A 1 21 ? 7.174   -8.774  -8.269  0.50 31.04 ? 390 ASN A ND2 1 
ATOM 187 N N   . VAL A 1 22 ? 6.200   -5.394  -3.755  1.00 28.93 ? 391 VAL A N   1 
ATOM 188 C CA  . VAL A 1 22 ? 6.229   -4.030  -3.226  1.00 26.57 ? 391 VAL A CA  1 
ATOM 189 C C   . VAL A 1 22 ? 7.227   -3.936  -2.062  1.00 25.98 ? 391 VAL A C   1 
ATOM 190 O O   . VAL A 1 22 ? 7.211   -4.745  -1.150  1.00 25.08 ? 391 VAL A O   1 
ATOM 191 C CB  . VAL A 1 22 ? 4.820   -3.597  -2.811  1.00 26.85 ? 391 VAL A CB  1 
ATOM 192 C CG1 . VAL A 1 22 ? 4.808   -2.220  -2.078  1.00 25.68 ? 391 VAL A CG1 1 
ATOM 193 C CG2 . VAL A 1 22 ? 3.877   -3.634  -4.035  1.00 25.93 ? 391 VAL A CG2 1 
ATOM 194 N N   . ASP A 1 23 ? 8.123   -2.959  -2.169  1.00 25.73 ? 392 ASP A N   1 
ATOM 195 C CA  . ASP A 1 23 ? 9.135   -2.705  -1.156  1.00 25.77 ? 392 ASP A CA  1 
ATOM 196 C C   . ASP A 1 23 ? 8.675   -1.526  -0.318  1.00 25.24 ? 392 ASP A C   1 
ATOM 197 O O   . ASP A 1 23 ? 8.528   -0.411  -0.817  1.00 24.31 ? 392 ASP A O   1 
ATOM 198 C CB  . ASP A 1 23 ? 10.484  -2.397  -1.807  1.00 26.35 ? 392 ASP A CB  1 
ATOM 199 C CG  . ASP A 1 23 ? 10.898  -3.450  -2.816  1.00 28.09 ? 392 ASP A CG  1 
ATOM 200 O OD1 . ASP A 1 23 ? 10.045  -4.284  -3.189  1.00 32.74 ? 392 ASP A OD1 1 
ATOM 201 O OD2 . ASP A 1 23 ? 12.074  -3.445  -3.236  1.00 28.32 ? 392 ASP A OD2 1 
ATOM 202 N N   . VAL A 1 24 ? 8.435   -1.786  0.961   1.00 26.16 ? 393 VAL A N   1 
ATOM 203 C CA  . VAL A 1 24 ? 7.824   -0.796  1.841   1.00 26.28 ? 393 VAL A CA  1 
ATOM 204 C C   . VAL A 1 24 ? 8.669   0.476   1.902   1.00 25.81 ? 393 VAL A C   1 
ATOM 205 O O   . VAL A 1 24 ? 8.139   1.574   1.753   1.00 25.60 ? 393 VAL A O   1 
ATOM 206 C CB  . VAL A 1 24 ? 7.593   -1.346  3.286   1.00 27.34 ? 393 VAL A CB  1 
ATOM 207 C CG1 . VAL A 1 24 ? 7.065   -0.231  4.204   1.00 28.36 ? 393 VAL A CG1 1 
ATOM 208 C CG2 . VAL A 1 24 ? 6.599   -2.481  3.255   1.00 26.12 ? 393 VAL A CG2 1 
ATOM 209 N N   . VAL A 1 25 ? 9.974   0.324   2.067   1.00 25.69 ? 394 VAL A N   1 
ATOM 210 C CA  . VAL A 1 25 ? 10.866  1.470   2.220   1.00 25.91 ? 394 VAL A CA  1 
ATOM 211 C C   . VAL A 1 25 ? 10.899  2.324   0.934   1.00 25.36 ? 394 VAL A C   1 
ATOM 212 O O   . VAL A 1 25 ? 10.838  3.535   1.020   1.00 24.67 ? 394 VAL A O   1 
ATOM 213 C CB  . VAL A 1 25 ? 12.278  1.047   2.730   1.00 27.08 ? 394 VAL A CB  1 
ATOM 214 C CG1 . VAL A 1 25 ? 13.298  2.137   2.516   1.00 27.16 ? 394 VAL A CG1 1 
ATOM 215 C CG2 . VAL A 1 25 ? 12.205  0.663   4.230   1.00 27.28 ? 394 VAL A CG2 1 
ATOM 216 N N   . GLU A 1 26 ? 10.905  1.678   -0.227  1.00 25.10 ? 395 GLU A N   1 
ATOM 217 C CA  . GLU A 1 26 ? 10.877  2.392   -1.501  1.00 25.03 ? 395 GLU A CA  1 
ATOM 218 C C   . GLU A 1 26 ? 9.557   3.128   -1.777  1.00 25.13 ? 395 GLU A C   1 
ATOM 219 O O   . GLU A 1 26 ? 9.555   4.177   -2.420  1.00 24.79 ? 395 GLU A O   1 
ATOM 220 C CB  . GLU A 1 26 ? 11.190  1.435   -2.655  1.00 24.57 ? 395 GLU A CB  1 
ATOM 221 C CG  . GLU A 1 26 ? 12.534  1.682   -3.319  1.00 25.88 ? 395 GLU A CG  1 
ATOM 222 C CD  . GLU A 1 26 ? 13.089  0.442   -3.990  1.00 25.41 ? 395 GLU A CD  1 
ATOM 223 O OE1 . GLU A 1 26 ? 12.915  -0.664  -3.436  1.00 23.54 ? 395 GLU A OE1 1 
ATOM 224 O OE2 . GLU A 1 26 ? 13.700  0.572   -5.071  1.00 23.97 ? 395 GLU A OE2 1 
ATOM 225 N N   . ILE A 1 27 ? 8.441   2.578   -1.302  1.00 24.41 ? 396 ILE A N   1 
ATOM 226 C CA  . ILE A 1 27 ? 7.121   3.151   -1.585  1.00 25.25 ? 396 ILE A CA  1 
ATOM 227 C C   . ILE A 1 27 ? 6.693   4.322   -0.682  1.00 24.94 ? 396 ILE A C   1 
ATOM 228 O O   . ILE A 1 27 ? 5.911   5.171   -1.097  1.00 24.36 ? 396 ILE A O   1 
ATOM 229 C CB  . ILE A 1 27 ? 6.018   2.038   -1.609  1.00 26.03 ? 396 ILE A CB  1 
ATOM 230 C CG1 . ILE A 1 27 ? 4.842   2.478   -2.485  1.00 28.03 ? 396 ILE A CG1 1 
ATOM 231 C CG2 . ILE A 1 27 ? 5.562   1.637   -0.186  1.00 25.48 ? 396 ILE A CG2 1 
ATOM 232 C CD1 . ILE A 1 27 ? 3.977   1.370   -3.007  1.00 27.45 ? 396 ILE A CD1 1 
ATOM 233 N N   . LEU A 1 28 ? 7.215   4.374   0.545   1.00 26.27 ? 397 LEU A N   1 
ATOM 234 C CA  . LEU A 1 28 ? 6.899   5.439   1.512   1.00 26.23 ? 397 LEU A CA  1 
ATOM 235 C C   . LEU A 1 28 ? 7.037   6.895   1.048   1.00 26.75 ? 397 LEU A C   1 
ATOM 236 O O   . LEU A 1 28 ? 6.198   7.715   1.407   1.00 27.94 ? 397 LEU A O   1 
ATOM 237 C CB  . LEU A 1 28 ? 7.613   5.205   2.874   1.00 27.17 ? 397 LEU A CB  1 
ATOM 238 C CG  . LEU A 1 28 ? 7.158   3.931   3.635   1.00 27.27 ? 397 LEU A CG  1 
ATOM 239 C CD1 . LEU A 1 28 ? 8.010   3.591   4.863   1.00 29.88 ? 397 LEU A CD1 1 
ATOM 240 C CD2 . LEU A 1 28 ? 5.738   4.039   4.047   1.00 25.83 ? 397 LEU A CD2 1 
ATOM 241 N N   . PRO A 1 29 ? 8.099   7.249   0.278   1.00 26.36 ? 398 PRO A N   1 
ATOM 242 C CA  . PRO A 1 29 ? 8.217   8.613   -0.287  1.00 24.62 ? 398 PRO A CA  1 
ATOM 243 C C   . PRO A 1 29 ? 7.025   9.074   -1.135  1.00 24.25 ? 398 PRO A C   1 
ATOM 244 O O   . PRO A 1 29 ? 6.944   10.236  -1.431  1.00 24.08 ? 398 PRO A O   1 
ATOM 245 C CB  . PRO A 1 29 ? 9.431   8.490   -1.226  1.00 25.15 ? 398 PRO A CB  1 
ATOM 246 C CG  . PRO A 1 29 ? 10.230  7.387   -0.658  1.00 25.04 ? 398 PRO A CG  1 
ATOM 247 C CD  . PRO A 1 29 ? 9.277   6.423   -0.052  1.00 27.04 ? 398 PRO A CD  1 
ATOM 248 N N   . TYR A 1 30 ? 6.160   8.164   -1.604  1.00 23.06 ? 399 TYR A N   1 
ATOM 249 C CA  . TYR A 1 30 ? 5.039   8.544   -2.485  1.00 21.71 ? 399 TYR A CA  1 
ATOM 250 C C   . TYR A 1 30 ? 3.695   8.444   -1.792  1.00 21.21 ? 399 TYR A C   1 
ATOM 251 O O   . TYR A 1 30 ? 2.671   8.499   -2.435  1.00 20.88 ? 399 TYR A O   1 
ATOM 252 C CB  . TYR A 1 30 ? 5.007   7.676   -3.753  1.00 21.86 ? 399 TYR A CB  1 
ATOM 253 C CG  . TYR A 1 30 ? 6.261   7.792   -4.593  1.00 23.56 ? 399 TYR A CG  1 
ATOM 254 C CD1 . TYR A 1 30 ? 6.462   8.885   -5.448  1.00 21.77 ? 399 TYR A CD1 1 
ATOM 255 C CD2 . TYR A 1 30 ? 7.265   6.820   -4.513  1.00 22.13 ? 399 TYR A CD2 1 
ATOM 256 C CE1 . TYR A 1 30 ? 7.621   8.984   -6.226  1.00 21.89 ? 399 TYR A CE1 1 
ATOM 257 C CE2 . TYR A 1 30 ? 8.428   6.919   -5.284  1.00 23.12 ? 399 TYR A CE2 1 
ATOM 258 C CZ  . TYR A 1 30 ? 8.597   8.006   -6.126  1.00 23.26 ? 399 TYR A CZ  1 
ATOM 259 O OH  . TYR A 1 30 ? 9.753   8.116   -6.874  1.00 26.99 ? 399 TYR A OH  1 
ATOM 260 N N   . LEU A 1 31 ? 3.713   8.299   -0.478  1.00 20.71 ? 400 LEU A N   1 
ATOM 261 C CA  . LEU A 1 31 ? 2.494   8.082   0.296   1.00 20.75 ? 400 LEU A CA  1 
ATOM 262 C C   . LEU A 1 31 ? 2.284   9.199   1.332   1.00 19.43 ? 400 LEU A C   1 
ATOM 263 O O   . LEU A 1 31 ? 2.361   8.933   2.547   1.00 20.58 ? 400 LEU A O   1 
ATOM 264 C CB  . LEU A 1 31 ? 2.533   6.695   1.013   1.00 19.20 ? 400 LEU A CB  1 
ATOM 265 C CG  . LEU A 1 31 ? 2.500   5.514   0.028   1.00 21.41 ? 400 LEU A CG  1 
ATOM 266 C CD1 . LEU A 1 31 ? 2.718   4.171   0.740   1.00 19.74 ? 400 LEU A CD1 1 
ATOM 267 C CD2 . LEU A 1 31 ? 1.190   5.512   -0.741  1.00 19.07 ? 400 LEU A CD2 1 
ATOM 268 N N   . PRO A 1 32 ? 2.026   10.444  0.875   1.00 17.68 ? 401 PRO A N   1 
ATOM 269 C CA  . PRO A 1 32 ? 1.808   11.556  1.800   1.00 17.22 ? 401 PRO A CA  1 
ATOM 270 C C   . PRO A 1 32 ? 0.535   11.462  2.649   1.00 17.57 ? 401 PRO A C   1 
ATOM 271 O O   . PRO A 1 32 ? 0.377   12.254  3.567   1.00 17.73 ? 401 PRO A O   1 
ATOM 272 C CB  . PRO A 1 32 ? 1.720   12.779  0.862   1.00 17.27 ? 401 PRO A CB  1 
ATOM 273 C CG  . PRO A 1 32 ? 1.290   12.228  -0.415  1.00 17.19 ? 401 PRO A CG  1 
ATOM 274 C CD  . PRO A 1 32 ? 1.919   10.896  -0.520  1.00 17.62 ? 401 PRO A CD  1 
ATOM 275 N N   . CYS A 1 33 ? -0.322  10.470  2.399   1.00 15.41 ? 402 CYS A N   1 
ATOM 276 C CA  . CYS A 1 33 ? -1.453  10.220  3.295   1.00 16.16 ? 402 CYS A CA  1 
ATOM 277 C C   . CYS A 1 33 ? -1.039  9.550   4.638   1.00 16.53 ? 402 CYS A C   1 
ATOM 278 O O   . CYS A 1 33 ? -1.844  9.509   5.604   1.00 17.45 ? 402 CYS A O   1 
ATOM 279 C CB  . CYS A 1 33 ? -2.504  9.352   2.558   1.00 14.59 ? 402 CYS A CB  1 
ATOM 280 S SG  . CYS A 1 33 ? -1.806  7.866   1.794   1.00 15.16 ? 402 CYS A SG  1 
ATOM 281 N N   . LEU A 1 34 ? 0.163   8.976   4.676   1.00 15.79 ? 403 LEU A N   1 
ATOM 282 C CA  . LEU A 1 34 ? 0.707   8.371   5.893   1.00 16.70 ? 403 LEU A CA  1 
ATOM 283 C C   . LEU A 1 34 ? 1.297   9.497   6.753   1.00 16.72 ? 403 LEU A C   1 
ATOM 284 O O   . LEU A 1 34 ? 1.891   10.414  6.219   1.00 16.68 ? 403 LEU A O   1 
ATOM 285 C CB  . LEU A 1 34 ? 1.812   7.382   5.513   1.00 18.11 ? 403 LEU A CB  1 
ATOM 286 C CG  . LEU A 1 34 ? 1.391   6.128   4.749   1.00 18.65 ? 403 LEU A CG  1 
ATOM 287 C CD1 . LEU A 1 34 ? 2.651   5.261   4.494   1.00 20.31 ? 403 LEU A CD1 1 
ATOM 288 C CD2 . LEU A 1 34 ? 0.391   5.319   5.511   1.00 19.07 ? 403 LEU A CD2 1 
ATOM 289 N N   . THR A 1 35 ? 1.098   9.462   8.067   1.00 17.87 ? 404 THR A N   1 
ATOM 290 C CA  . THR A 1 35 ? 1.610   10.531  8.943   1.00 17.61 ? 404 THR A CA  1 
ATOM 291 C C   . THR A 1 35 ? 3.065   10.209  9.213   1.00 17.40 ? 404 THR A C   1 
ATOM 292 O O   . THR A 1 35 ? 3.506   9.088   8.927   1.00 16.84 ? 404 THR A O   1 
ATOM 293 C CB  . THR A 1 35 ? 0.884   10.529  10.304  1.00 18.22 ? 404 THR A CB  1 
ATOM 294 O OG1 . THR A 1 35 ? 1.048   9.248   10.937  1.00 20.08 ? 404 THR A OG1 1 
ATOM 295 C CG2 . THR A 1 35 ? -0.618  10.837  10.132  1.00 20.09 ? 404 THR A CG2 1 
ATOM 296 N N   . ALA A 1 36 ? 3.814   11.146  9.805   1.00 17.64 ? 405 ALA A N   1 
ATOM 297 C CA  . ALA A 1 36 ? 5.166   10.839  10.224  1.00 18.13 ? 405 ALA A CA  1 
ATOM 298 C C   . ALA A 1 36 ? 5.171   9.648   11.189  1.00 19.00 ? 405 ALA A C   1 
ATOM 299 O O   . ALA A 1 36 ? 6.025   8.781   11.111  1.00 19.15 ? 405 ALA A O   1 
ATOM 300 C CB  . ALA A 1 36 ? 5.884   12.091  10.842  1.00 18.17 ? 405 ALA A CB  1 
ATOM 301 N N   . ARG A 1 37 ? 4.180   9.602   12.075  1.00 20.19 ? 406 ARG A N   1 
ATOM 302 C CA  . ARG A 1 37 ? 4.046   8.489   13.009  1.00 21.04 ? 406 ARG A CA  1 
ATOM 303 C C   . ARG A 1 37 ? 3.907   7.158   12.272  1.00 19.81 ? 406 ARG A C   1 
ATOM 304 O O   . ARG A 1 37 ? 4.571   6.178   12.611  1.00 18.84 ? 406 ARG A O   1 
ATOM 305 C CB  . ARG A 1 37 ? 2.845   8.707   13.933  1.00 21.57 ? 406 ARG A CB  1 
ATOM 306 C CG  . ARG A 1 37 ? 1.574   9.120   13.210  1.00 27.98 ? 406 ARG A CG  1 
ATOM 307 C CD  . ARG A 1 37 ? 0.926   10.324  13.877  1.00 34.89 ? 406 ARG A CD  1 
ATOM 308 N NE  . ARG A 1 37 ? -0.496  10.422  13.563  1.00 43.41 ? 406 ARG A NE  1 
ATOM 309 C CZ  . ARG A 1 37 ? -1.190  11.555  13.594  1.00 47.26 ? 406 ARG A CZ  1 
ATOM 310 N NH1 . ARG A 1 37 ? -0.593  12.693  13.923  1.00 48.59 ? 406 ARG A NH1 1 
ATOM 311 N NH2 . ARG A 1 37 ? -2.483  11.552  13.294  1.00 47.42 ? 406 ARG A NH2 1 
ATOM 312 N N   . ASP A 1 38 ? 3.039   7.129   11.266  1.00 19.31 ? 407 ASP A N   1 
ATOM 313 C CA  . ASP A 1 38 ? 2.797   5.908   10.472  1.00 19.32 ? 407 ASP A CA  1 
ATOM 314 C C   . ASP A 1 38 ? 4.126   5.412   9.873   1.00 19.13 ? 407 ASP A C   1 
ATOM 315 O O   . ASP A 1 38 ? 4.419   4.220   9.919   1.00 19.44 ? 407 ASP A O   1 
ATOM 316 C CB  . ASP A 1 38 ? 1.802   6.108   9.282   1.00 19.00 ? 407 ASP A CB  1 
ATOM 317 C CG  . ASP A 1 38 ? 0.369   6.405   9.711   1.00 18.46 ? 407 ASP A CG  1 
ATOM 318 O OD1 . ASP A 1 38 ? -0.080  5.974   10.791  1.00 18.34 ? 407 ASP A OD1 1 
ATOM 319 O OD2 . ASP A 1 38 ? -0.352  7.060   8.918   1.00 18.71 ? 407 ASP A OD2 1 
ATOM 320 N N   . GLN A 1 39 ? 4.907   6.332   9.303   1.00 19.62 ? 408 GLN A N   1 
ATOM 321 C CA  . GLN A 1 39 ? 6.153   6.016   8.619   1.00 20.97 ? 408 GLN A CA  1 
ATOM 322 C C   . GLN A 1 39 ? 7.178   5.455   9.595   1.00 20.93 ? 408 GLN A C   1 
ATOM 323 O O   . GLN A 1 39 ? 7.882   4.492   9.276   1.00 21.37 ? 408 GLN A O   1 
ATOM 324 C CB  . GLN A 1 39 ? 6.746   7.281   7.957   1.00 20.95 ? 408 GLN A CB  1 
ATOM 325 C CG  . GLN A 1 39 ? 5.900   7.808   6.772   1.00 22.35 ? 408 GLN A CG  1 
ATOM 326 C CD  . GLN A 1 39 ? 6.350   9.199   6.322   1.00 23.88 ? 408 GLN A CD  1 
ATOM 327 O OE1 . GLN A 1 39 ? 7.281   9.765   6.868   1.00 29.12 ? 408 GLN A OE1 1 
ATOM 328 N NE2 . GLN A 1 39 ? 5.689   9.738   5.335   1.00 31.54 ? 408 GLN A NE2 1 
ATOM 329 N N   . ASP A 1 40 ? 7.274   6.057   10.780  1.00 19.84 ? 409 ASP A N   1 
ATOM 330 C CA  . ASP A 1 40 ? 8.210   5.543   11.760  1.00 19.85 ? 409 ASP A CA  1 
ATOM 331 C C   . ASP A 1 40 ? 7.818   4.170   12.250  1.00 19.12 ? 409 ASP A C   1 
ATOM 332 O O   . ASP A 1 40 ? 8.698   3.317   12.445  1.00 18.35 ? 409 ASP A O   1 
ATOM 333 C CB  . ASP A 1 40 ? 8.320   6.470   12.942  1.00 20.39 ? 409 ASP A CB  1 
ATOM 334 C CG  . ASP A 1 40 ? 8.966   7.784   12.579  1.00 24.50 ? 409 ASP A CG  1 
ATOM 335 O OD1 . ASP A 1 40 ? 9.611   7.879   11.486  1.00 25.03 ? 409 ASP A OD1 1 
ATOM 336 O OD2 . ASP A 1 40 ? 8.794   8.711   13.384  1.00 25.06 ? 409 ASP A OD2 1 
ATOM 337 N N   . ARG A 1 41 ? 6.525   3.966   12.498  1.00 18.23 ? 410 ARG A N   1 
ATOM 338 C CA  . ARG A 1 41 ? 6.045   2.652   12.926  1.00 18.56 ? 410 ARG A CA  1 
ATOM 339 C C   . ARG A 1 41 ? 6.345   1.604   11.858  1.00 18.67 ? 410 ARG A C   1 
ATOM 340 O O   . ARG A 1 41 ? 6.795   0.502   12.188  1.00 19.32 ? 410 ARG A O   1 
ATOM 341 C CB  . ARG A 1 41 ? 4.535   2.664   13.257  1.00 18.67 ? 410 ARG A CB  1 
ATOM 342 C CG  . ARG A 1 41 ? 3.930   1.280   13.598  1.00 19.50 ? 410 ARG A CG  1 
ATOM 343 C CD  . ARG A 1 41 ? 2.444   1.343   13.923  1.00 20.36 ? 410 ARG A CD  1 
ATOM 344 N NE  . ARG A 1 41 ? 1.675   1.717   12.730  1.00 22.26 ? 410 ARG A NE  1 
ATOM 345 C CZ  . ARG A 1 41 ? 1.181   2.932   12.490  1.00 23.02 ? 410 ARG A CZ  1 
ATOM 346 N NH1 . ARG A 1 41 ? 1.334   3.924   13.352  1.00 22.96 ? 410 ARG A NH1 1 
ATOM 347 N NH2 . ARG A 1 41 ? 0.515   3.156   11.374  1.00 25.73 ? 410 ARG A NH2 1 
ATOM 348 N N   . LEU A 1 42 ? 6.067   1.925   10.593  1.00 18.31 ? 411 LEU A N   1 
ATOM 349 C CA  . LEU A 1 42 ? 6.266   0.967   9.505   1.00 19.02 ? 411 LEU A CA  1 
ATOM 350 C C   . LEU A 1 42 ? 7.737   0.626   9.307   1.00 19.98 ? 411 LEU A C   1 
ATOM 351 O O   . LEU A 1 42 ? 8.068   -0.521  9.042   1.00 19.67 ? 411 LEU A O   1 
ATOM 352 C CB  . LEU A 1 42 ? 5.604   1.443   8.184   1.00 18.84 ? 411 LEU A CB  1 
ATOM 353 C CG  . LEU A 1 42 ? 4.033   1.405   8.207   1.00 20.74 ? 411 LEU A CG  1 
ATOM 354 C CD1 . LEU A 1 42 ? 3.385   2.101   7.005   1.00 18.93 ? 411 LEU A CD1 1 
ATOM 355 C CD2 . LEU A 1 42 ? 3.492   -0.032  8.301   1.00 17.32 ? 411 LEU A CD2 1 
ATOM 356 N N   . ARG A 1 43 ? 8.613   1.618   9.453   1.00 20.78 ? 412 ARG A N   1 
ATOM 357 C CA  . ARG A 1 43 ? 10.052  1.380   9.436   1.00 22.82 ? 412 ARG A CA  1 
ATOM 358 C C   . ARG A 1 43 ? 10.480  0.374   10.503  1.00 22.17 ? 412 ARG A C   1 
ATOM 359 O O   . ARG A 1 43 ? 11.252  -0.558  10.213  1.00 22.49 ? 412 ARG A O   1 
ATOM 360 C CB  . ARG A 1 43 ? 10.850  2.700   9.522   1.00 21.71 ? 412 ARG A CB  1 
ATOM 361 C CG  . ARG A 1 43 ? 10.742  3.532   8.205   1.00 25.12 ? 412 ARG A CG  1 
ATOM 362 C CD  . ARG A 1 43 ? 11.518  4.888   8.266   1.00 26.50 ? 412 ARG A CD  1 
ATOM 363 N NE  . ARG A 1 43 ? 10.790  5.926   7.505   1.00 36.23 ? 412 ARG A NE  1 
ATOM 364 C CZ  . ARG A 1 43 ? 10.955  6.179   6.202   1.00 39.17 ? 412 ARG A CZ  1 
ATOM 365 N NH1 . ARG A 1 43 ? 11.853  5.468   5.498   1.00 38.88 ? 412 ARG A NH1 1 
ATOM 366 N NH2 . ARG A 1 43 ? 10.237  7.151   5.593   1.00 40.29 ? 412 ARG A NH2 1 
ATOM 367 N N   . ALA A 1 44 ? 9.960   0.545   11.719  1.00 22.15 ? 413 ALA A N   1 
ATOM 368 C CA  . ALA A 1 44 ? 10.262  -0.320  12.857  1.00 22.15 ? 413 ALA A CA  1 
ATOM 369 C C   . ALA A 1 44 ? 9.754   -1.722  12.602  1.00 22.23 ? 413 ALA A C   1 
ATOM 370 O O   . ALA A 1 44 ? 10.467  -2.695  12.811  1.00 22.95 ? 413 ALA A O   1 
ATOM 371 C CB  . ALA A 1 44 ? 9.651   0.239   14.113  1.00 22.00 ? 413 ALA A CB  1 
ATOM 372 N N   . THR A 1 45 ? 8.521   -1.816  12.104  1.00 22.56 ? 414 THR A N   1 
ATOM 373 C CA  . THR A 1 45 ? 7.919   -3.103  11.745  1.00 21.80 ? 414 THR A CA  1 
ATOM 374 C C   . THR A 1 45 ? 8.802   -3.781  10.731  1.00 21.82 ? 414 THR A C   1 
ATOM 375 O O   . THR A 1 45 ? 9.065   -4.971  10.833  1.00 20.99 ? 414 THR A O   1 
ATOM 376 C CB  . THR A 1 45 ? 6.502   -2.942  11.183  1.00 21.30 ? 414 THR A CB  1 
ATOM 377 O OG1 . THR A 1 45 ? 5.675   -2.386  12.204  1.00 22.68 ? 414 THR A OG1 1 
ATOM 378 C CG2 . THR A 1 45 ? 5.925   -4.283  10.814  1.00 20.39 ? 414 THR A CG2 1 
ATOM 379 N N   . CYS A 1 46 ? 9.282   -3.012  9.763   1.00 21.94 ? 415 CYS A N   1 
ATOM 380 C CA  . CYS A 1 46 ? 10.118  -3.609  8.744   1.00 21.14 ? 415 CYS A CA  1 
ATOM 381 C C   . CYS A 1 46 ? 11.422  -4.129  9.380   1.00 20.98 ? 415 CYS A C   1 
ATOM 382 O O   . CYS A 1 46 ? 11.898  -5.221  9.037   1.00 21.14 ? 415 CYS A O   1 
ATOM 383 C CB  . CYS A 1 46 ? 10.370  -2.625  7.604   1.00 21.35 ? 415 CYS A CB  1 
ATOM 384 S SG  . CYS A 1 46 ? 10.950  -3.465  6.144   1.00 26.92 ? 415 CYS A SG  1 
ATOM 385 N N   . THR A 1 47 ? 11.985  -3.348  10.309  1.00 19.71 ? 416 THR A N   1 
ATOM 386 C CA  . THR A 1 47 ? 13.221  -3.730  10.968  1.00 20.24 ? 416 THR A CA  1 
ATOM 387 C C   . THR A 1 47 ? 13.019  -5.013  11.757  1.00 20.13 ? 416 THR A C   1 
ATOM 388 O O   . THR A 1 47 ? 13.827  -5.899  11.662  1.00 19.10 ? 416 THR A O   1 
ATOM 389 C CB  . THR A 1 47 ? 13.775  -2.590  11.832  1.00 19.26 ? 416 THR A CB  1 
ATOM 390 O OG1 . THR A 1 47 ? 14.198  -1.544  10.955  1.00 19.58 ? 416 THR A OG1 1 
ATOM 391 C CG2 . THR A 1 47 ? 14.975  -3.028  12.672  1.00 20.71 ? 416 THR A CG2 1 
ATOM 392 N N   . LEU A 1 48 ? 11.908  -5.117  12.479  1.00 21.18 ? 417 LEU A N   1 
ATOM 393 C CA  . LEU A 1 48 ? 11.669  -6.264  13.336  1.00 21.58 ? 417 LEU A CA  1 
ATOM 394 C C   . LEU A 1 48 ? 11.184  -7.499  12.601  1.00 22.77 ? 417 LEU A C   1 
ATOM 395 O O   . LEU A 1 48 ? 11.544  -8.615  12.985  1.00 22.71 ? 417 LEU A O   1 
ATOM 396 C CB  . LEU A 1 48 ? 10.674  -5.897  14.429  1.00 21.72 ? 417 LEU A CB  1 
ATOM 397 C CG  . LEU A 1 48 ? 11.319  -5.007  15.468  1.00 22.27 ? 417 LEU A CG  1 
ATOM 398 C CD1 . LEU A 1 48 ? 10.303  -4.169  16.212  1.00 23.45 ? 417 LEU A CD1 1 
ATOM 399 C CD2 . LEU A 1 48 ? 12.169  -5.841  16.428  1.00 21.56 ? 417 LEU A CD2 1 
ATOM 400 N N   . SER A 1 49 ? 10.401  -7.308  11.535  1.00 23.12 ? 418 SER A N   1 
ATOM 401 C CA  . SER A 1 49 ? 9.628   -8.402  10.920  1.00 23.51 ? 418 SER A CA  1 
ATOM 402 C C   . SER A 1 49 ? 9.860   -8.664  9.422   1.00 23.09 ? 418 SER A C   1 
ATOM 403 O O   . SER A 1 49 ? 9.362   -9.674  8.882   1.00 22.31 ? 418 SER A O   1 
ATOM 404 C CB  . SER A 1 49 ? 8.134   -8.178  11.146  1.00 24.36 ? 418 SER A CB  1 
ATOM 405 O OG  . SER A 1 49 ? 7.867   -8.021  12.526  1.00 27.98 ? 418 SER A OG  1 
ATOM 406 N N   . GLY A 1 50 ? 10.576  -7.764  8.742   1.00 21.91 ? 419 GLY A N   1 
ATOM 407 C CA  . GLY A 1 50 ? 10.793  -7.948  7.312   1.00 20.61 ? 419 GLY A CA  1 
ATOM 408 C C   . GLY A 1 50 ? 9.684   -7.334  6.475   1.00 20.04 ? 419 GLY A C   1 
ATOM 409 O O   . GLY A 1 50 ? 8.577   -7.059  6.958   1.00 20.40 ? 419 GLY A O   1 
ATOM 410 N N   . ASN A 1 51 ? 10.006  -7.105  5.213   1.00 19.81 ? 420 ASN A N   1 
ATOM 411 C CA  . ASN A 1 51 ? 9.142   -6.435  4.260   1.00 19.15 ? 420 ASN A CA  1 
ATOM 412 C C   . ASN A 1 51 ? 7.774   -7.098  4.027   1.00 19.69 ? 420 ASN A C   1 
ATOM 413 O O   . ASN A 1 51 ? 6.754   -6.410  4.023   1.00 18.17 ? 420 ASN A O   1 
ATOM 414 C CB  . ASN A 1 51 ? 9.891   -6.292  2.929   1.00 19.38 ? 420 ASN A CB  1 
ATOM 415 C CG  . ASN A 1 51 ? 9.186   -5.381  1.964   1.00 16.90 ? 420 ASN A CG  1 
ATOM 416 O OD1 . ASN A 1 51 ? 9.218   -4.175  2.122   1.00 17.18 ? 420 ASN A OD1 1 
ATOM 417 N ND2 . ASN A 1 51 ? 8.538   -5.955  0.963   1.00 17.20 ? 420 ASN A ND2 1 
ATOM 418 N N   . ARG A 1 52 ? 7.755   -8.414  3.818   1.00 20.45 ? 421 ARG A N   1 
ATOM 419 C CA  . ARG A 1 52 ? 6.499   -9.116  3.537   1.00 22.26 ? 421 ARG A CA  1 
ATOM 420 C C   . ARG A 1 52 ? 5.486   -8.880  4.655   1.00 21.69 ? 421 ARG A C   1 
ATOM 421 O O   . ARG A 1 52 ? 4.391   -8.379  4.393   1.00 21.97 ? 421 ARG A O   1 
ATOM 422 C CB  . ARG A 1 52 ? 6.729   -10.618 3.274   1.00 23.06 ? 421 ARG A CB  1 
ATOM 423 C CG  . ARG A 1 52 ? 5.504   -11.329 2.678   1.00 24.71 ? 421 ARG A CG  1 
ATOM 424 C CD  . ARG A 1 52 ? 5.546   -12.856 2.876   1.00 26.52 ? 421 ARG A CD  1 
ATOM 425 N NE  . ARG A 1 52 ? 4.294   -13.506 2.439   1.00 32.91 ? 421 ARG A NE  1 
ATOM 426 C CZ  . ARG A 1 52 ? 3.973   -13.750 1.165   1.00 35.65 ? 421 ARG A CZ  1 
ATOM 427 N NH1 . ARG A 1 52 ? 4.810   -13.398 0.183   1.00 37.35 ? 421 ARG A NH1 1 
ATOM 428 N NH2 . ARG A 1 52 ? 2.812   -14.341 0.866   1.00 36.52 ? 421 ARG A NH2 1 
ATOM 429 N N   . ASP A 1 53 ? 5.863   -9.199  5.898   1.00 22.07 ? 422 ASP A N   1 
ATOM 430 C CA  . ASP A 1 53 ? 5.001   -8.967  7.052   1.00 22.23 ? 422 ASP A CA  1 
ATOM 431 C C   . ASP A 1 53 ? 4.569   -7.489  7.205   1.00 21.69 ? 422 ASP A C   1 
ATOM 432 O O   . ASP A 1 53 ? 3.419   -7.208  7.551   1.00 21.10 ? 422 ASP A O   1 
ATOM 433 C CB  . ASP A 1 53 ? 5.669   -9.477  8.324   1.00 23.54 ? 422 ASP A CB  1 
ATOM 434 C CG  . ASP A 1 53 ? 5.708   -11.004 8.409   1.00 27.22 ? 422 ASP A CG  1 
ATOM 435 O OD1 . ASP A 1 53 ? 5.058   -11.710 7.589   1.00 29.92 ? 422 ASP A OD1 1 
ATOM 436 O OD2 . ASP A 1 53 ? 6.411   -11.511 9.323   1.00 32.81 ? 422 ASP A OD2 1 
ATOM 437 N N   . THR A 1 54 ? 5.467   -6.556  6.881   1.00 20.14 ? 423 THR A N   1 
ATOM 438 C CA  . THR A 1 54 ? 5.174   -5.128  6.965   1.00 19.85 ? 423 THR A CA  1 
ATOM 439 C C   . THR A 1 54 ? 4.156   -4.645  5.912   1.00 19.94 ? 423 THR A C   1 
ATOM 440 O O   . THR A 1 54 ? 3.362   -3.710  6.164   1.00 19.83 ? 423 THR A O   1 
ATOM 441 C CB  . THR A 1 54 ? 6.465   -4.306  6.902   1.00 19.28 ? 423 THR A CB  1 
ATOM 442 O OG1 . THR A 1 54 ? 7.331   -4.781  7.930   1.00 20.45 ? 423 THR A OG1 1 
ATOM 443 C CG2 . THR A 1 54 ? 6.215   -2.796  7.066   1.00 18.54 ? 423 THR A CG2 1 
ATOM 444 N N   . LEU A 1 55 ? 4.157   -5.297  4.751   1.00 19.40 ? 424 LEU A N   1 
ATOM 445 C CA  . LEU A 1 55 ? 3.207   -4.962  3.674   1.00 18.76 ? 424 LEU A CA  1 
ATOM 446 C C   . LEU A 1 55 ? 1.772   -5.057  4.204   1.00 17.40 ? 424 LEU A C   1 
ATOM 447 O O   . LEU A 1 55 ? 0.962   -4.177  3.922   1.00 17.11 ? 424 LEU A O   1 
ATOM 448 C CB  . LEU A 1 55 ? 3.395   -5.890  2.467   1.00 18.97 ? 424 LEU A CB  1 
ATOM 449 C CG  . LEU A 1 55 ? 4.559   -5.479  1.580   1.00 19.67 ? 424 LEU A CG  1 
ATOM 450 C CD1 . LEU A 1 55 ? 4.763   -6.536  0.507   1.00 19.99 ? 424 LEU A CD1 1 
ATOM 451 C CD2 . LEU A 1 55 ? 4.256   -4.131  0.941   1.00 22.01 ? 424 LEU A CD2 1 
ATOM 452 N N   . TRP A 1 56 ? 1.470   -6.098  4.990   1.00 17.10 ? 425 TRP A N   1 
ATOM 453 C CA  A TRP A 1 56 ? 0.131   -6.264  5.546   0.50 16.68 ? 425 TRP A CA  1 
ATOM 454 C CA  B TRP A 1 56 ? 0.140   -6.224  5.605   0.50 17.11 ? 425 TRP A CA  1 
ATOM 455 C C   . TRP A 1 56 ? -0.223  -5.005  6.377   1.00 16.72 ? 425 TRP A C   1 
ATOM 456 O O   . TRP A 1 56 ? -1.342  -4.478  6.264   1.00 16.70 ? 425 TRP A O   1 
ATOM 457 C CB  A TRP A 1 56 ? 0.025   -7.571  6.383   0.50 16.97 ? 425 TRP A CB  1 
ATOM 458 C CB  B TRP A 1 56 ? 0.063   -7.363  6.619   0.50 17.93 ? 425 TRP A CB  1 
ATOM 459 C CG  A TRP A 1 56 ? -0.132  -8.934  5.628   0.60 16.21 ? 425 TRP A CG  1 
ATOM 460 C CG  B TRP A 1 56 ? -1.372  -7.650  6.983   0.40 18.54 ? 425 TRP A CG  1 
ATOM 461 C CD1 A TRP A 1 56 ? 0.764   -9.989  5.617   0.60 18.62 ? 425 TRP A CD1 1 
ATOM 462 C CD1 B TRP A 1 56 ? -2.264  -8.385  6.258   0.40 19.24 ? 425 TRP A CD1 1 
ATOM 463 C CD2 A TRP A 1 56 ? -1.259  -9.371  4.855   0.60 18.11 ? 425 TRP A CD2 1 
ATOM 464 C CD2 B TRP A 1 56 ? -2.091  -7.176  8.138   0.40 19.48 ? 425 TRP A CD2 1 
ATOM 465 N NE1 A TRP A 1 56 ? 0.264   -11.038 4.879   0.60 17.68 ? 425 TRP A NE1 1 
ATOM 466 N NE1 B TRP A 1 56 ? -3.486  -8.415  6.889   0.40 19.82 ? 425 TRP A NE1 1 
ATOM 467 C CE2 A TRP A 1 56 ? -0.974  -10.685 4.395   0.60 18.20 ? 425 TRP A CE2 1 
ATOM 468 C CE2 B TRP A 1 56 ? -3.408  -7.684  8.047   0.40 19.47 ? 425 TRP A CE2 1 
ATOM 469 C CE3 A TRP A 1 56 ? -2.487  -8.781  4.500   0.60 17.68 ? 425 TRP A CE3 1 
ATOM 470 C CE3 B TRP A 1 56 ? -1.744  -6.379  9.243   0.40 19.36 ? 425 TRP A CE3 1 
ATOM 471 C CZ2 A TRP A 1 56 ? -1.880  -11.417 3.609   0.60 17.56 ? 425 TRP A CZ2 1 
ATOM 472 C CZ2 B TRP A 1 56 ? -4.385  -7.420  9.017   0.40 20.07 ? 425 TRP A CZ2 1 
ATOM 473 C CZ3 A TRP A 1 56 ? -3.383  -9.518  3.709   0.60 17.61 ? 425 TRP A CZ3 1 
ATOM 474 C CZ3 B TRP A 1 56 ? -2.715  -6.116  10.207  0.40 19.63 ? 425 TRP A CZ3 1 
ATOM 475 C CH2 A TRP A 1 56 ? -3.067  -10.806 3.271   0.60 17.34 ? 425 TRP A CH2 1 
ATOM 476 C CH2 B TRP A 1 56 ? -4.023  -6.636  10.086  0.40 20.09 ? 425 TRP A CH2 1 
ATOM 477 N N   . HIS A 1 57 ? 0.716   -4.577  7.216   1.00 14.84 ? 426 HIS A N   1 
ATOM 478 C CA  . HIS A 1 57 ? 0.533   -3.412  8.079   1.00 15.42 ? 426 HIS A CA  1 
ATOM 479 C C   . HIS A 1 57 ? 0.461   -2.104  7.265   1.00 15.28 ? 426 HIS A C   1 
ATOM 480 O O   . HIS A 1 57 ? -0.302  -1.197  7.617   1.00 15.82 ? 426 HIS A O   1 
ATOM 481 C CB  . HIS A 1 57 ? 1.681   -3.366  9.116   1.00 14.45 ? 426 HIS A CB  1 
ATOM 482 C CG  . HIS A 1 57 ? 1.625   -4.491  10.099  1.00 17.15 ? 426 HIS A CG  1 
ATOM 483 N ND1 . HIS A 1 57 ? 0.701   -4.528  11.120  1.00 20.41 ? 426 HIS A ND1 1 
ATOM 484 C CD2 . HIS A 1 57 ? 2.337   -5.645  10.189  1.00 17.96 ? 426 HIS A CD2 1 
ATOM 485 C CE1 . HIS A 1 57 ? 0.862   -5.646  11.815  1.00 22.80 ? 426 HIS A CE1 1 
ATOM 486 N NE2 . HIS A 1 57 ? 1.847   -6.337  11.271  1.00 20.38 ? 426 HIS A NE2 1 
ATOM 487 N N   . LEU A 1 58 ? 1.256   -2.024  6.192   1.00 15.12 ? 427 LEU A N   1 
ATOM 488 C CA  . LEU A 1 58 ? 1.196   -0.920  5.256   1.00 15.79 ? 427 LEU A CA  1 
ATOM 489 C C   . LEU A 1 58 ? -0.234  -0.770  4.724   1.00 15.78 ? 427 LEU A C   1 
ATOM 490 O O   . LEU A 1 58 ? -0.790  0.329   4.772   1.00 15.82 ? 427 LEU A O   1 
ATOM 491 C CB  . LEU A 1 58 ? 2.175   -1.125  4.073   1.00 15.62 ? 427 LEU A CB  1 
ATOM 492 C CG  . LEU A 1 58 ? 2.034   -0.054  2.962   1.00 17.17 ? 427 LEU A CG  1 
ATOM 493 C CD1 . LEU A 1 58 ? 2.206   1.380   3.491   1.00 15.71 ? 427 LEU A CD1 1 
ATOM 494 C CD2 . LEU A 1 58 ? 3.039   -0.255  1.847   1.00 17.21 ? 427 LEU A CD2 1 
ATOM 495 N N   . PHE A 1 59 ? -0.799  -1.867  4.208   1.00 15.35 ? 428 PHE A N   1 
ATOM 496 C CA  . PHE A 1 59 ? -2.124  -1.820  3.622   1.00 16.03 ? 428 PHE A CA  1 
ATOM 497 C C   . PHE A 1 59 ? -3.154  -1.521  4.702   1.00 16.57 ? 428 PHE A C   1 
ATOM 498 O O   . PHE A 1 59 ? -4.014  -0.692  4.487   1.00 16.94 ? 428 PHE A O   1 
ATOM 499 C CB  . PHE A 1 59 ? -2.441  -3.108  2.842   1.00 16.58 ? 428 PHE A CB  1 
ATOM 500 C CG  . PHE A 1 59 ? -1.435  -3.402  1.757   1.00 16.09 ? 428 PHE A CG  1 
ATOM 501 C CD1 . PHE A 1 59 ? -0.816  -2.365  1.051   1.00 19.99 ? 428 PHE A CD1 1 
ATOM 502 C CD2 . PHE A 1 59 ? -1.065  -4.708  1.484   1.00 18.01 ? 428 PHE A CD2 1 
ATOM 503 C CE1 . PHE A 1 59 ? 0.166   -2.639  0.058   1.00 18.77 ? 428 PHE A CE1 1 
ATOM 504 C CE2 . PHE A 1 59 ? -0.116  -4.989  0.489   1.00 20.02 ? 428 PHE A CE2 1 
ATOM 505 C CZ  . PHE A 1 59 ? 0.514   -3.946  -0.207  1.00 18.98 ? 428 PHE A CZ  1 
ATOM 506 N N   . ASN A 1 60 ? -3.047  -2.183  5.856   1.00 16.52 ? 429 ASN A N   1 
ATOM 507 C CA  . ASN A 1 60 ? -3.936  -1.924  6.960   1.00 18.07 ? 429 ASN A CA  1 
ATOM 508 C C   . ASN A 1 60 ? -3.918  -0.458  7.412   1.00 17.68 ? 429 ASN A C   1 
ATOM 509 O O   . ASN A 1 60 ? -4.959  0.113   7.697   1.00 18.65 ? 429 ASN A O   1 
ATOM 510 C CB  . ASN A 1 60 ? -3.620  -2.837  8.156   1.00 18.51 ? 429 ASN A CB  1 
ATOM 511 C CG  . ASN A 1 60 ? -4.609  -2.650  9.310   1.00 23.23 ? 429 ASN A CG  1 
ATOM 512 O OD1 . ASN A 1 60 ? -5.828  -2.603  9.098   1.00 28.40 ? 429 ASN A OD1 1 
ATOM 513 N ND2 . ASN A 1 60 ? -4.087  -2.544  10.545  1.00 27.22 ? 429 ASN A ND2 1 
ATOM 514 N N   . THR A 1 61 ? -2.735  0.142   7.486   1.00 16.89 ? 430 THR A N   1 
ATOM 515 C CA  . THR A 1 61 ? -2.596  1.565   7.850   1.00 16.19 ? 430 THR A CA  1 
ATOM 516 C C   . THR A 1 61 ? -3.117  2.486   6.742   1.00 16.32 ? 430 THR A C   1 
ATOM 517 O O   . THR A 1 61 ? -3.887  3.392   7.027   1.00 16.46 ? 430 THR A O   1 
ATOM 518 C CB  . THR A 1 61 ? -1.136  1.917   8.178   1.00 15.75 ? 430 THR A CB  1 
ATOM 519 O OG1 . THR A 1 61 ? -0.741  1.131   9.299   1.00 15.37 ? 430 THR A OG1 1 
ATOM 520 C CG2 . THR A 1 61 ? -0.980  3.422   8.562   1.00 16.18 ? 430 THR A CG2 1 
ATOM 521 N N   . LEU A 1 62 ? -2.722  2.244   5.496   1.00 15.12 ? 431 LEU A N   1 
ATOM 522 C CA  . LEU A 1 62 ? -3.238  3.050   4.374   1.00 17.46 ? 431 LEU A CA  1 
ATOM 523 C C   . LEU A 1 62 ? -4.765  3.194   4.411   1.00 17.92 ? 431 LEU A C   1 
ATOM 524 O O   . LEU A 1 62 ? -5.313  4.286   4.260   1.00 17.83 ? 431 LEU A O   1 
ATOM 525 C CB  . LEU A 1 62 ? -2.819  2.437   3.023   1.00 17.16 ? 431 LEU A CB  1 
ATOM 526 C CG  . LEU A 1 62 ? -1.381  2.771   2.566   1.00 17.40 ? 431 LEU A CG  1 
ATOM 527 C CD1 . LEU A 1 62 ? -1.047  1.943   1.313   1.00 14.26 ? 431 LEU A CD1 1 
ATOM 528 C CD2 . LEU A 1 62 ? -1.237  4.267   2.281   1.00 15.10 ? 431 LEU A CD2 1 
ATOM 529 N N   . GLN A 1 63 ? -5.456  2.075   4.635   1.00 18.61 ? 432 GLN A N   1 
ATOM 530 C CA  . GLN A 1 63 ? -6.905  2.099   4.516   1.00 18.77 ? 432 GLN A CA  1 
ATOM 531 C C   . GLN A 1 63 ? -7.614  2.916   5.591   1.00 18.99 ? 432 GLN A C   1 
ATOM 532 O O   . GLN A 1 63 ? -8.788  3.209   5.441   1.00 19.07 ? 432 GLN A O   1 
ATOM 533 C CB  . GLN A 1 63 ? -7.494  0.680   4.328   1.00 19.01 ? 432 GLN A CB  1 
ATOM 534 C CG  . GLN A 1 63 ? -7.268  -0.273  5.485   1.00 19.67 ? 432 GLN A CG  1 
ATOM 535 C CD  . GLN A 1 63 ? -8.367  -0.276  6.490   1.00 23.33 ? 432 GLN A CD  1 
ATOM 536 O OE1 . GLN A 1 63 ? -9.536  -0.152  6.136   1.00 26.16 ? 432 GLN A OE1 1 
ATOM 537 N NE2 . GLN A 1 63 ? -8.008  -0.446  7.773   1.00 23.69 ? 432 GLN A NE2 1 
ATOM 538 N N   . ARG A 1 64 ? -6.898  3.268   6.655   1.00 19.78 ? 433 ARG A N   1 
ATOM 539 C CA  . ARG A 1 64 ? -7.476  4.048   7.743   1.00 21.34 ? 433 ARG A CA  1 
ATOM 540 C C   . ARG A 1 64 ? -7.424  5.541   7.440   1.00 21.86 ? 433 ARG A C   1 
ATOM 541 O O   . ARG A 1 64 ? -8.394  6.265   7.664   1.00 21.91 ? 433 ARG A O   1 
ATOM 542 C CB  . ARG A 1 64 ? -6.751  3.752   9.057   1.00 21.02 ? 433 ARG A CB  1 
ATOM 543 C CG  . ARG A 1 64 ? -7.211  4.609   10.225  1.00 22.35 ? 433 ARG A CG  1 
ATOM 544 C CD  . ARG A 1 64 ? -6.273  5.784   10.451  1.00 23.12 ? 433 ARG A CD  1 
ATOM 545 N NE  . ARG A 1 64 ? -6.985  6.973   10.910  1.00 22.54 ? 433 ARG A NE  1 
ATOM 546 C CZ  . ARG A 1 64 ? -6.418  7.972   11.576  1.00 23.11 ? 433 ARG A CZ  1 
ATOM 547 N NH1 . ARG A 1 64 ? -5.124  7.930   11.867  1.00 24.58 ? 433 ARG A NH1 1 
ATOM 548 N NH2 . ARG A 1 64 ? -7.144  9.015   11.957  1.00 23.32 ? 433 ARG A NH2 1 
ATOM 549 N N   . ARG A 1 65 ? -6.284  5.997   6.929   1.00 21.17 ? 434 ARG A N   1 
ATOM 550 C CA  . ARG A 1 65 ? -6.104  7.405   6.596   1.00 21.08 ? 434 ARG A CA  1 
ATOM 551 C C   . ARG A 1 65 ? -7.011  7.820   5.444   1.00 21.43 ? 434 ARG A C   1 
ATOM 552 O O   . ARG A 1 65 ? -7.697  6.978   4.854   1.00 20.84 ? 434 ARG A O   1 
ATOM 553 C CB  . ARG A 1 65 ? -4.642  7.689   6.241   1.00 19.58 ? 434 ARG A CB  1 
ATOM 554 C CG  . ARG A 1 65 ? -3.854  8.368   7.350   1.00 19.75 ? 434 ARG A CG  1 
ATOM 555 C CD  . ARG A 1 65 ? -4.576  9.603   7.862   1.00 21.76 ? 434 ARG A CD  1 
ATOM 556 N NE  . ARG A 1 65 ? -3.882  10.211  8.993   1.00 21.61 ? 434 ARG A NE  1 
ATOM 557 C CZ  . ARG A 1 65 ? -4.413  11.139  9.783   1.00 23.69 ? 434 ARG A CZ  1 
ATOM 558 N NH1 . ARG A 1 65 ? -5.647  11.571  9.567   1.00 25.97 ? 434 ARG A NH1 1 
ATOM 559 N NH2 . ARG A 1 65 ? -3.708  11.637  10.790  1.00 20.57 ? 434 ARG A NH2 1 
ATOM 560 N N   . PRO A 1 66 ? -7.001  9.189   5.127   1.00 22.88 ? 435 PRO A N   1 
ATOM 561 C CA  . PRO A 1 66 ? -7.891  9.535   4.011   1.00 22.93 ? 435 PRO A CA  1 
ATOM 562 C C   . PRO A 1 66 ? -7.121  9.702   2.704   1.00 22.05 ? 435 PRO A C   1 
ATOM 563 O O   . PRO A 1 66 ? -5.924  9.986   2.727   1.00 22.02 ? 435 PRO A O   1 
ATOM 564 C CB  . PRO A 1 66 ? -8.480  10.874  4.449   1.00 23.99 ? 435 PRO A CB  1 
ATOM 565 C CG  . PRO A 1 66 ? -7.370  11.556  5.180   1.00 23.26 ? 435 PRO A CG  1 
ATOM 566 C CD  . PRO A 1 66 ? -6.347  10.518  5.561   1.00 22.93 ? 435 PRO A CD  1 
ATOM 567 N N   . GLY A 1 67 ? -7.809  9.527   1.580   1.00 21.70 ? 436 GLY A N   1 
ATOM 568 C CA  . GLY A 1 67 ? -7.184  9.659   0.277   1.00 19.89 ? 436 GLY A CA  1 
ATOM 569 C C   . GLY A 1 67 ? -5.960  8.778   0.132   1.00 19.13 ? 436 GLY A C   1 
ATOM 570 O O   . GLY A 1 67 ? -4.853  9.270   -0.090  1.00 19.31 ? 436 GLY A O   1 
ATOM 571 N N   . TRP A 1 68 ? -6.159  7.470   0.255   1.00 17.44 ? 437 TRP A N   1 
ATOM 572 C CA  . TRP A 1 68 ? -5.046  6.496   0.136   1.00 16.68 ? 437 TRP A CA  1 
ATOM 573 C C   . TRP A 1 68 ? -4.912  5.794   -1.206  1.00 15.84 ? 437 TRP A C   1 
ATOM 574 O O   . TRP A 1 68 ? -3.808  5.441   -1.583  1.00 16.52 ? 437 TRP A O   1 
ATOM 575 C CB  . TRP A 1 68 ? -5.050  5.436   1.266   1.00 15.28 ? 437 TRP A CB  1 
ATOM 576 C CG  . TRP A 1 68 ? -6.166  4.452   1.204   1.00 14.71 ? 437 TRP A CG  1 
ATOM 577 C CD1 . TRP A 1 68 ? -7.427  4.583   1.768   1.00 14.86 ? 437 TRP A CD1 1 
ATOM 578 C CD2 . TRP A 1 68 ? -6.127  3.126   0.610   1.00 14.97 ? 437 TRP A CD2 1 
ATOM 579 N NE1 . TRP A 1 68 ? -8.180  3.408   1.528   1.00 12.41 ? 437 TRP A NE1 1 
ATOM 580 C CE2 . TRP A 1 68 ? -7.413  2.522   0.815   1.00 15.25 ? 437 TRP A CE2 1 
ATOM 581 C CE3 . TRP A 1 68 ? -5.138  2.405   -0.086  1.00 14.35 ? 437 TRP A CE3 1 
ATOM 582 C CZ2 . TRP A 1 68 ? -7.725  1.220   0.352   1.00 14.68 ? 437 TRP A CZ2 1 
ATOM 583 C CZ3 . TRP A 1 68 ? -5.453  1.111   -0.563  1.00 16.23 ? 437 TRP A CZ3 1 
ATOM 584 C CH2 . TRP A 1 68 ? -6.733  0.528   -0.312  1.00 14.96 ? 437 TRP A CH2 1 
ATOM 585 N N   . VAL A 1 69 ? -6.029  5.563   -1.905  1.00 15.84 ? 438 VAL A N   1 
ATOM 586 C CA  . VAL A 1 69 ? -5.974  4.768   -3.129  1.00 15.45 ? 438 VAL A CA  1 
ATOM 587 C C   . VAL A 1 69 ? -5.277  5.528   -4.248  1.00 15.65 ? 438 VAL A C   1 
ATOM 588 O O   . VAL A 1 69 ? -4.422  4.955   -4.964  1.00 15.82 ? 438 VAL A O   1 
ATOM 589 C CB  . VAL A 1 69 ? -7.384  4.217   -3.610  1.00 16.05 ? 438 VAL A CB  1 
ATOM 590 C CG1 . VAL A 1 69 ? -7.204  3.323   -4.869  1.00 14.95 ? 438 VAL A CG1 1 
ATOM 591 C CG2 . VAL A 1 69 ? -8.070  3.392   -2.522  1.00 13.42 ? 438 VAL A CG2 1 
ATOM 592 N N   . GLU A 1 70 ? -5.601  6.811   -4.402  1.00 14.99 ? 439 GLU A N   1 
ATOM 593 C CA  . GLU A 1 70 ? -4.966  7.626   -5.431  1.00 15.54 ? 439 GLU A CA  1 
ATOM 594 C C   . GLU A 1 70 ? -3.469  7.634   -5.225  1.00 15.63 ? 439 GLU A C   1 
ATOM 595 O O   . GLU A 1 70 ? -2.709  7.412   -6.159  1.00 15.65 ? 439 GLU A O   1 
ATOM 596 C CB  . GLU A 1 70 ? -5.496  9.077   -5.459  1.00 15.47 ? 439 GLU A CB  1 
ATOM 597 C CG  . GLU A 1 70 ? -6.888  9.262   -6.107  1.00 19.84 ? 439 GLU A CG  1 
ATOM 598 C CD  . GLU A 1 70 ? -8.050  8.931   -5.127  1.00 21.41 ? 439 GLU A CD  1 
ATOM 599 O OE1 . GLU A 1 70 ? -7.765  8.562   -3.962  1.00 20.26 ? 439 GLU A OE1 1 
ATOM 600 O OE2 . GLU A 1 70 ? -9.238  9.057   -5.522  1.00 23.54 ? 439 GLU A OE2 1 
ATOM 601 N N   . TYR A 1 71 ? -3.042  7.888   -3.986  1.00 15.43 ? 440 TYR A N   1 
ATOM 602 C CA  . TYR A 1 71 ? -1.618  7.964   -3.685  1.00 16.74 ? 440 TYR A CA  1 
ATOM 603 C C   . TYR A 1 71 ? -0.955  6.582   -3.841  1.00 15.81 ? 440 TYR A C   1 
ATOM 604 O O   . TYR A 1 71 ? 0.205   6.465   -4.250  1.00 16.75 ? 440 TYR A O   1 
ATOM 605 C CB  . TYR A 1 71 ? -1.385  8.542   -2.273  1.00 15.36 ? 440 TYR A CB  1 
ATOM 606 C CG  . TYR A 1 71 ? -1.599  10.056  -2.158  1.00 16.25 ? 440 TYR A CG  1 
ATOM 607 C CD1 . TYR A 1 71 ? -1.117  10.932  -3.145  1.00 15.91 ? 440 TYR A CD1 1 
ATOM 608 C CD2 . TYR A 1 71 ? -2.265  10.604  -1.058  1.00 15.00 ? 440 TYR A CD2 1 
ATOM 609 C CE1 . TYR A 1 71 ? -1.272  12.346  -3.036  1.00 16.32 ? 440 TYR A CE1 1 
ATOM 610 C CE2 . TYR A 1 71 ? -2.420  12.034  -0.919  1.00 17.45 ? 440 TYR A CE2 1 
ATOM 611 C CZ  . TYR A 1 71 ? -1.923  12.876  -1.912  1.00 16.80 ? 440 TYR A CZ  1 
ATOM 612 O OH  . TYR A 1 71 ? -2.072  14.225  -1.820  1.00 18.18 ? 440 TYR A OH  1 
ATOM 613 N N   . PHE A 1 72 ? -1.674  5.546   -3.476  1.00 15.57 ? 441 PHE A N   1 
ATOM 614 C CA  . PHE A 1 72 ? -1.148  4.178   -3.637  1.00 15.25 ? 441 PHE A CA  1 
ATOM 615 C C   . PHE A 1 72 ? -0.935  3.859   -5.117  1.00 14.24 ? 441 PHE A C   1 
ATOM 616 O O   . PHE A 1 72 ? 0.096   3.325   -5.503  1.00 15.77 ? 441 PHE A O   1 
ATOM 617 C CB  . PHE A 1 72 ? -2.063  3.143   -2.932  1.00 14.72 ? 441 PHE A CB  1 
ATOM 618 C CG  . PHE A 1 72 ? -1.506  1.754   -2.938  1.00 15.96 ? 441 PHE A CG  1 
ATOM 619 C CD1 . PHE A 1 72 ? -0.196  1.525   -2.555  1.00 13.68 ? 441 PHE A CD1 1 
ATOM 620 C CD2 . PHE A 1 72 ? -2.293  0.663   -3.343  1.00 16.78 ? 441 PHE A CD2 1 
ATOM 621 C CE1 . PHE A 1 72 ? 0.363   0.215   -2.557  1.00 15.34 ? 441 PHE A CE1 1 
ATOM 622 C CE2 . PHE A 1 72 ? -1.756  -0.651  -3.341  1.00 16.48 ? 441 PHE A CE2 1 
ATOM 623 C CZ  . PHE A 1 72 ? -0.423  -0.866  -2.944  1.00 15.02 ? 441 PHE A CZ  1 
ATOM 624 N N   . ILE A 1 73 ? -1.895  4.236   -5.955  1.00 14.38 ? 442 ILE A N   1 
ATOM 625 C CA  . ILE A 1 73 ? -1.719  4.103   -7.413  1.00 13.97 ? 442 ILE A CA  1 
ATOM 626 C C   . ILE A 1 73 ? -0.484  4.895   -7.854  1.00 14.61 ? 442 ILE A C   1 
ATOM 627 O O   . ILE A 1 73 ? 0.343   4.374   -8.629  1.00 13.88 ? 442 ILE A O   1 
ATOM 628 C CB  . ILE A 1 73 ? -2.960  4.582   -8.219  1.00 13.99 ? 442 ILE A CB  1 
ATOM 629 C CG1 . ILE A 1 73 ? -4.150  3.626   -7.973  1.00 13.86 ? 442 ILE A CG1 1 
ATOM 630 C CG2 . ILE A 1 73 ? -2.663  4.726   -9.783  1.00 12.78 ? 442 ILE A CG2 1 
ATOM 631 C CD1 . ILE A 1 73 ? -5.540  4.238   -8.397  1.00 14.20 ? 442 ILE A CD1 1 
ATOM 632 N N   . ALA A 1 74 ? -0.381  6.153   -7.402  1.00 13.44 ? 443 ALA A N   1 
ATOM 633 C CA  . ALA A 1 74 ? 0.793   6.991   -7.699  1.00 13.51 ? 443 ALA A CA  1 
ATOM 634 C C   . ALA A 1 74 ? 2.094   6.306   -7.243  1.00 13.86 ? 443 ALA A C   1 
ATOM 635 O O   . ALA A 1 74 ? 3.086   6.282   -7.979  1.00 14.23 ? 443 ALA A O   1 
ATOM 636 C CB  . ALA A 1 74 ? 0.668   8.363   -7.015  1.00 12.71 ? 443 ALA A CB  1 
ATOM 637 N N   . ALA A 1 75 ? 2.083   5.768   -6.032  1.00 14.08 ? 444 ALA A N   1 
ATOM 638 C CA  . ALA A 1 75 ? 3.278   5.204   -5.415  1.00 14.84 ? 444 ALA A CA  1 
ATOM 639 C C   . ALA A 1 75 ? 3.773   3.964   -6.155  1.00 16.05 ? 444 ALA A C   1 
ATOM 640 O O   . ALA A 1 75 ? 4.989   3.764   -6.332  1.00 17.25 ? 444 ALA A O   1 
ATOM 641 C CB  . ALA A 1 75 ? 3.018   4.894   -3.925  1.00 14.51 ? 444 ALA A CB  1 
ATOM 642 N N   . LEU A 1 76 ? 2.827   3.153   -6.616  1.00 15.62 ? 445 LEU A N   1 
ATOM 643 C CA  . LEU A 1 76 ? 3.106   2.005   -7.459  1.00 14.89 ? 445 LEU A CA  1 
ATOM 644 C C   . LEU A 1 76 ? 3.704   2.436   -8.792  1.00 15.36 ? 445 LEU A C   1 
ATOM 645 O O   . LEU A 1 76 ? 4.704   1.858   -9.238  1.00 14.17 ? 445 LEU A O   1 
ATOM 646 C CB  . LEU A 1 76 ? 1.845   1.149   -7.664  1.00 14.07 ? 445 LEU A CB  1 
ATOM 647 C CG  . LEU A 1 76 ? 1.329   0.424   -6.427  1.00 15.82 ? 445 LEU A CG  1 
ATOM 648 C CD1 . LEU A 1 76 ? -0.115  -0.085  -6.677  1.00 13.63 ? 445 LEU A CD1 1 
ATOM 649 C CD2 . LEU A 1 76 ? 2.252   -0.735  -6.018  1.00 16.03 ? 445 LEU A CD2 1 
ATOM 650 N N   . ARG A 1 77 ? 3.115   3.440   -9.433  1.00 15.19 ? 446 ARG A N   1 
ATOM 651 C CA  . ARG A 1 77 ? 3.738   3.996   -10.618 1.00 17.43 ? 446 ARG A CA  1 
ATOM 652 C C   . ARG A 1 77 ? 5.124   4.585   -10.327 1.00 16.82 ? 446 ARG A C   1 
ATOM 653 O O   . ARG A 1 77 ? 6.035   4.391   -11.121 1.00 16.86 ? 446 ARG A O   1 
ATOM 654 C CB  . ARG A 1 77 ? 2.859   5.040   -11.321 1.00 17.33 ? 446 ARG A CB  1 
ATOM 655 C CG  . ARG A 1 77 ? 1.470   4.524   -11.642 1.00 20.60 ? 446 ARG A CG  1 
ATOM 656 C CD  . ARG A 1 77 ? 0.586   5.484   -12.472 1.00 22.88 ? 446 ARG A CD  1 
ATOM 657 N NE  . ARG A 1 77 ? -0.744  4.838   -12.615 1.00 34.36 ? 446 ARG A NE  1 
ATOM 658 C CZ  . ARG A 1 77 ? -1.208  4.159   -13.678 1.00 39.53 ? 446 ARG A CZ  1 
ATOM 659 N NH1 . ARG A 1 77 ? -0.478  4.042   -14.800 1.00 39.56 ? 446 ARG A NH1 1 
ATOM 660 N NH2 . ARG A 1 77 ? -2.440  3.599   -13.615 1.00 39.96 ? 446 ARG A NH2 1 
ATOM 661 N N   . GLY A 1 78 ? 5.290   5.286   -9.200  1.00 16.88 ? 447 GLY A N   1 
ATOM 662 C CA  . GLY A 1 78 ? 6.590   5.850   -8.849  1.00 16.67 ? 447 GLY A CA  1 
ATOM 663 C C   . GLY A 1 78 ? 7.697   4.797   -8.729  1.00 18.25 ? 447 GLY A C   1 
ATOM 664 O O   . GLY A 1 78 ? 8.860   5.069   -8.993  1.00 18.83 ? 447 GLY A O   1 
ATOM 665 N N   . CYS A 1 79 ? 7.319   3.601   -8.304  1.00 18.51 ? 448 CYS A N   1 
ATOM 666 C CA  . CYS A 1 79 ? 8.220   2.457   -8.158  1.00 19.95 ? 448 CYS A CA  1 
ATOM 667 C C   . CYS A 1 79 ? 8.259   1.597   -9.430  1.00 20.51 ? 448 CYS A C   1 
ATOM 668 O O   . CYS A 1 79 ? 8.770   0.469   -9.378  1.00 21.31 ? 448 CYS A O   1 
ATOM 669 C CB  . CYS A 1 79 ? 7.729   1.570   -7.018  1.00 19.71 ? 448 CYS A CB  1 
ATOM 670 S SG  . CYS A 1 79 ? 7.857   2.339   -5.427  1.00 22.26 ? 448 CYS A SG  1 
ATOM 671 N N   . GLU A 1 80 ? 7.698   2.116   -10.532 1.00 19.95 ? 449 GLU A N   1 
ATOM 672 C CA  . GLU A 1 80 ? 7.670   1.425   -11.830 1.00 21.77 ? 449 GLU A CA  1 
ATOM 673 C C   . GLU A 1 80 ? 6.865   0.091   -11.786 1.00 21.01 ? 449 GLU A C   1 
ATOM 674 O O   . GLU A 1 80 ? 7.166   -0.860  -12.498 1.00 21.30 ? 449 GLU A O   1 
ATOM 675 C CB  . GLU A 1 80 ? 9.106   1.297   -12.415 1.00 22.14 ? 449 GLU A CB  1 
ATOM 676 C CG  . GLU A 1 80 ? 9.831   2.691   -12.653 1.00 24.03 ? 449 GLU A CG  1 
ATOM 677 C CD  . GLU A 1 80 ? 11.338  2.607   -13.036 1.00 26.98 ? 449 GLU A CD  1 
ATOM 678 O OE1 . GLU A 1 80 ? 11.944  1.494   -12.987 1.00 33.71 ? 449 GLU A OE1 1 
ATOM 679 O OE2 . GLU A 1 80 ? 11.939  3.669   -13.396 1.00 31.39 ? 449 GLU A OE2 1 
ATOM 680 N N   . LEU A 1 81 ? 5.856   0.013   -10.921 1.00 19.43 ? 450 LEU A N   1 
ATOM 681 C CA  . LEU A 1 81 ? 4.998   -1.175  -10.852 1.00 18.50 ? 450 LEU A CA  1 
ATOM 682 C C   . LEU A 1 81 ? 3.668   -0.815  -11.503 1.00 18.14 ? 450 LEU A C   1 
ATOM 683 O O   . LEU A 1 81 ? 2.611   -0.698  -10.835 1.00 16.93 ? 450 LEU A O   1 
ATOM 684 C CB  . LEU A 1 81 ? 4.806   -1.622  -9.399  1.00 18.53 ? 450 LEU A CB  1 
ATOM 685 C CG  . LEU A 1 81 ? 6.060   -2.013  -8.618  1.00 19.08 ? 450 LEU A CG  1 
ATOM 686 C CD1 . LEU A 1 81 ? 5.728   -2.256  -7.159  1.00 18.69 ? 450 LEU A CD1 1 
ATOM 687 C CD2 . LEU A 1 81 ? 6.723   -3.264  -9.255  1.00 17.83 ? 450 LEU A CD2 1 
ATOM 688 N N   . VAL A 1 82 ? 3.749   -0.607  -12.811 1.00 18.27 ? 451 VAL A N   1 
ATOM 689 C CA  . VAL A 1 82 ? 2.649   -0.100  -13.607 1.00 19.68 ? 451 VAL A CA  1 
ATOM 690 C C   . VAL A 1 82 ? 1.476   -1.077  -13.696 1.00 19.40 ? 451 VAL A C   1 
ATOM 691 O O   . VAL A 1 82 ? 0.304   -0.665  -13.562 1.00 18.85 ? 451 VAL A O   1 
ATOM 692 C CB  . VAL A 1 82 ? 3.126   0.356   -14.990 1.00 20.78 ? 451 VAL A CB  1 
ATOM 693 C CG1 . VAL A 1 82 ? 1.947   0.837   -15.840 1.00 23.02 ? 451 VAL A CG1 1 
ATOM 694 C CG2 . VAL A 1 82 ? 4.171   1.503   -14.850 1.00 23.13 ? 451 VAL A CG2 1 
ATOM 695 N N   . ASP A 1 83 ? 1.755   -2.364  -13.907 1.00 18.68 ? 452 ASP A N   1 
ATOM 696 C CA  . ASP A 1 83 ? 0.661   -3.333  -13.974 1.00 19.06 ? 452 ASP A CA  1 
ATOM 697 C C   . ASP A 1 83 ? -0.090  -3.390  -12.658 1.00 18.08 ? 452 ASP A C   1 
ATOM 698 O O   . ASP A 1 83 ? -1.288  -3.507  -12.631 1.00 17.99 ? 452 ASP A O   1 
ATOM 699 C CB  . ASP A 1 83 ? 1.154   -4.730  -14.378 1.00 20.25 ? 452 ASP A CB  1 
ATOM 700 C CG  . ASP A 1 83 ? 1.696   -4.769  -15.825 1.00 24.44 ? 452 ASP A CG  1 
ATOM 701 O OD1 . ASP A 1 83 ? 1.270   -3.951  -16.695 1.00 26.05 ? 452 ASP A OD1 1 
ATOM 702 O OD2 . ASP A 1 83 ? 2.569   -5.627  -16.084 1.00 30.14 ? 452 ASP A OD2 1 
ATOM 703 N N   . LEU A 1 84 ? 0.632   -3.302  -11.554 1.00 17.79 ? 453 LEU A N   1 
ATOM 704 C CA  . LEU A 1 84 ? 0.021   -3.322  -10.243 1.00 17.93 ? 453 LEU A CA  1 
ATOM 705 C C   . LEU A 1 84 ? -0.827  -2.074  -10.042 1.00 17.20 ? 453 LEU A C   1 
ATOM 706 O O   . LEU A 1 84 ? -1.986  -2.168  -9.579  1.00 17.55 ? 453 LEU A O   1 
ATOM 707 C CB  . LEU A 1 84 ? 1.124   -3.412  -9.195  1.00 18.70 ? 453 LEU A CB  1 
ATOM 708 C CG  . LEU A 1 84 ? 1.067   -4.469  -8.089  1.00 22.73 ? 453 LEU A CG  1 
ATOM 709 C CD1 . LEU A 1 84 ? 0.441   -5.835  -8.498  1.00 21.60 ? 453 LEU A CD1 1 
ATOM 710 C CD2 . LEU A 1 84 ? 2.483   -4.630  -7.530  1.00 19.71 ? 453 LEU A CD2 1 
ATOM 711 N N   . ALA A 1 85 ? -0.265  -0.905  -10.392 1.00 15.40 ? 454 ALA A N   1 
ATOM 712 C CA  . ALA A 1 85 ? -0.988  0.352   -10.376 1.00 15.13 ? 454 ALA A CA  1 
ATOM 713 C C   . ALA A 1 85 ? -2.261  0.285   -11.174 1.00 15.85 ? 454 ALA A C   1 
ATOM 714 O O   . ALA A 1 85 ? -3.288  0.761   -10.706 1.00 16.63 ? 454 ALA A O   1 
ATOM 715 C CB  . ALA A 1 85 ? -0.138  1.482   -10.907 1.00 15.07 ? 454 ALA A CB  1 
ATOM 716 N N   . ASP A 1 86 ? -2.201  -0.265  -12.386 1.00 15.52 ? 455 ASP A N   1 
ATOM 717 C CA  . ASP A 1 86 ? -3.387  -0.391  -13.236 1.00 16.16 ? 455 ASP A CA  1 
ATOM 718 C C   . ASP A 1 86 ? -4.423  -1.350  -12.644 1.00 16.62 ? 455 ASP A C   1 
ATOM 719 O O   . ASP A 1 86 ? -5.647  -1.142  -12.741 1.00 15.78 ? 455 ASP A O   1 
ATOM 720 C CB  . ASP A 1 86 ? -2.999  -0.870  -14.644 1.00 16.60 ? 455 ASP A CB  1 
ATOM 721 C CG  . ASP A 1 86 ? -2.449  0.264   -15.513 1.00 17.95 ? 455 ASP A CG  1 
ATOM 722 O OD1 . ASP A 1 86 ? -2.553  1.434   -15.132 1.00 20.41 ? 455 ASP A OD1 1 
ATOM 723 O OD2 . ASP A 1 86 ? -1.864  -0.011  -16.564 1.00 23.76 ? 455 ASP A OD2 1 
ATOM 724 N N   . GLU A 1 87 ? -3.920  -2.417  -12.038 1.00 17.80 ? 456 GLU A N   1 
ATOM 725 C CA  . GLU A 1 87 ? -4.804  -3.394  -11.381 1.00 20.14 ? 456 GLU A CA  1 
ATOM 726 C C   . GLU A 1 87 ? -5.559  -2.735  -10.205 1.00 18.72 ? 456 GLU A C   1 
ATOM 727 O O   . GLU A 1 87 ? -6.771  -2.889  -10.079 1.00 18.43 ? 456 GLU A O   1 
ATOM 728 C CB  . GLU A 1 87 ? -3.977  -4.648  -11.049 1.00 20.08 ? 456 GLU A CB  1 
ATOM 729 C CG  . GLU A 1 87 ? -4.445  -5.566  -9.958  1.00 25.16 ? 456 GLU A CG  1 
ATOM 730 C CD  . GLU A 1 87 ? -3.521  -6.793  -9.866  1.00 24.45 ? 456 GLU A CD  1 
ATOM 731 O OE1 . GLU A 1 87 ? -2.735  -6.993  -10.830 1.00 29.91 ? 456 GLU A OE1 1 
ATOM 732 O OE2 . GLU A 1 87 ? -3.571  -7.526  -8.846  1.00 27.54 ? 456 GLU A OE2 1 
ATOM 733 N N   . VAL A 1 88 ? -4.866  -1.923  -9.406  1.00 17.67 ? 457 VAL A N   1 
ATOM 734 C CA  . VAL A 1 88 ? -5.543  -1.128  -8.382  1.00 17.27 ? 457 VAL A CA  1 
ATOM 735 C C   . VAL A 1 88 ? -6.563  -0.114  -8.957  1.00 17.20 ? 457 VAL A C   1 
ATOM 736 O O   . VAL A 1 88 ? -7.693  -0.015  -8.443  1.00 16.16 ? 457 VAL A O   1 
ATOM 737 C CB  . VAL A 1 88 ? -4.545  -0.420  -7.434  1.00 17.26 ? 457 VAL A CB  1 
ATOM 738 C CG1 . VAL A 1 88 ? -5.272  0.543   -6.460  1.00 17.92 ? 457 VAL A CG1 1 
ATOM 739 C CG2 . VAL A 1 88 ? -3.744  -1.470  -6.701  1.00 17.82 ? 457 VAL A CG2 1 
ATOM 740 N N   . ALA A 1 89 ? -6.173  0.635   -10.001 1.00 15.44 ? 458 ALA A N   1 
ATOM 741 C CA  . ALA A 1 89 ? -7.078  1.624   -10.593 1.00 15.09 ? 458 ALA A CA  1 
ATOM 742 C C   . ALA A 1 89 ? -8.356  0.903   -11.060 1.00 15.41 ? 458 ALA A C   1 
ATOM 743 O O   . ALA A 1 89 ? -9.482  1.427   -10.959 1.00 14.79 ? 458 ALA A O   1 
ATOM 744 C CB  . ALA A 1 89 ? -6.417  2.292   -11.759 1.00 14.53 ? 458 ALA A CB  1 
ATOM 745 N N   . SER A 1 90 ? -8.154  -0.285  -11.615 1.00 14.31 ? 459 SER A N   1 
ATOM 746 C CA  . SER A 1 90 ? -9.258  -1.041  -12.161 1.00 17.56 ? 459 SER A CA  1 
ATOM 747 C C   . SER A 1 90 ? -10.278 -1.442  -11.085 1.00 17.57 ? 459 SER A C   1 
ATOM 748 O O   . SER A 1 90 ? -11.494 -1.334  -11.285 1.00 16.96 ? 459 SER A O   1 
ATOM 749 C CB  . SER A 1 90 ? -8.756  -2.304  -12.870 1.00 17.46 ? 459 SER A CB  1 
ATOM 750 O OG  . SER A 1 90 ? -9.884  -3.076  -13.184 1.00 23.41 ? 459 SER A OG  1 
ATOM 751 N N   . VAL A 1 91 ? -9.775  -1.892  -9.947  1.00 17.96 ? 460 VAL A N   1 
ATOM 752 C CA  . VAL A 1 91 ? -10.671 -2.282  -8.860  1.00 19.81 ? 460 VAL A CA  1 
ATOM 753 C C   . VAL A 1 91 ? -11.336 -1.066  -8.198  1.00 19.40 ? 460 VAL A C   1 
ATOM 754 O O   . VAL A 1 91 ? -12.485 -1.128  -7.806  1.00 19.94 ? 460 VAL A O   1 
ATOM 755 C CB  . VAL A 1 91 ? -9.913  -3.116  -7.812  1.00 20.61 ? 460 VAL A CB  1 
ATOM 756 C CG1 . VAL A 1 91 ? -10.818 -3.439  -6.643  1.00 22.15 ? 460 VAL A CG1 1 
ATOM 757 C CG2 . VAL A 1 91 ? -9.428  -4.398  -8.470  1.00 21.31 ? 460 VAL A CG2 1 
ATOM 758 N N   . TYR A 1 92 ? -10.607 0.031   -8.082  1.00 18.91 ? 461 TYR A N   1 
ATOM 759 C CA  . TYR A 1 92 ? -11.094 1.255   -7.418  1.00 18.28 ? 461 TYR A CA  1 
ATOM 760 C C   . TYR A 1 92 ? -12.202 1.998   -8.199  1.00 19.06 ? 461 TYR A C   1 
ATOM 761 O O   . TYR A 1 92 ? -13.021 2.738   -7.619  1.00 17.49 ? 461 TYR A O   1 
ATOM 762 C CB  . TYR A 1 92 ? -9.898  2.169   -7.236  1.00 17.73 ? 461 TYR A CB  1 
ATOM 763 C CG  . TYR A 1 92 ? -10.155 3.488   -6.540  1.00 15.75 ? 461 TYR A CG  1 
ATOM 764 C CD1 . TYR A 1 92 ? -10.672 3.517   -5.241  1.00 14.19 ? 461 TYR A CD1 1 
ATOM 765 C CD2 . TYR A 1 92 ? -9.853  4.698   -7.172  1.00 13.62 ? 461 TYR A CD2 1 
ATOM 766 C CE1 . TYR A 1 92 ? -10.885 4.716   -4.581  1.00 13.90 ? 461 TYR A CE1 1 
ATOM 767 C CE2 . TYR A 1 92 ? -10.052 5.922   -6.519  1.00 15.76 ? 461 TYR A CE2 1 
ATOM 768 C CZ  . TYR A 1 92 ? -10.571 5.913   -5.224  1.00 15.70 ? 461 TYR A CZ  1 
ATOM 769 O OH  . TYR A 1 92 ? -10.790 7.085   -4.549  1.00 16.79 ? 461 TYR A OH  1 
ATOM 770 N N   . GLN A 1 93 ? -12.225 1.798   -9.514  1.00 18.86 ? 462 GLN A N   1 
ATOM 771 C CA  . GLN A 1 93 ? -13.190 2.482   -10.353 1.00 19.64 ? 462 GLN A CA  1 
ATOM 772 C C   . GLN A 1 93 ? -14.622 2.259   -9.894  1.00 21.01 ? 462 GLN A C   1 
ATOM 773 O O   . GLN A 1 93 ? -15.083 1.140   -9.556  1.00 22.52 ? 462 GLN A O   1 
ATOM 774 C CB  . GLN A 1 93 ? -13.039 2.092   -11.818 1.00 19.00 ? 462 GLN A CB  1 
ATOM 775 C CG  . GLN A 1 93 ? -13.860 2.994   -12.711 1.00 21.45 ? 462 GLN A CG  1 
ATOM 776 C CD  . GLN A 1 93 ? -13.909 2.561   -14.174 1.00 24.61 ? 462 GLN A CD  1 
ATOM 777 O OE1 . GLN A 1 93 ? -13.559 1.415   -14.549 1.00 21.58 ? 462 GLN A OE1 1 
ATOM 778 N NE2 . GLN A 1 93 ? -14.353 3.488   -15.020 1.00 24.16 ? 462 GLN A NE2 1 
ATOM 779 O OXT . GLN A 1 93 ? -15.366 3.237   -9.857  1.00 22.02 ? 462 GLN A OXT 1 
# 
